data_7K89
#
_entry.id   7K89
#
_cell.length_a   175.695
_cell.length_b   175.695
_cell.length_c   86.214
_cell.angle_alpha   90.00
_cell.angle_beta   90.00
_cell.angle_gamma   120.00
#
_symmetry.space_group_name_H-M   'P 65'
#
loop_
_entity.id
_entity.type
_entity.pdbx_description
1 polymer 'Retinoid isomerohydrolase'
2 non-polymer 'FE (II) ION'
3 non-polymer 'PALMITIC ACID'
4 non-polymer 'TETRAETHYLENE GLYCOL'
5 non-polymer 'SODIUM ION'
6 non-polymer (1R)-3-amino-1-[3-(cyclohexylmethoxy)-4-fluorophenyl]propan-1-ol
7 water water
#
_entity_poly.entity_id   1
_entity_poly.type   'polypeptide(L)'
_entity_poly.pdbx_seq_one_letter_code
;(ACE)SSQVEHPAGGYKKLFETVEELSSPLTAHVTGRIPLWLTGSLLRCGPGLFEVGSEPFYHLFDGQALLHKFDFKEGH
VTYHRRFIRTDAYVRAMTEKRIVITEFGTCAFPDPCKNIFSRFFSYFRGVEVTDNALVNIYPVGEDYYACTETNFITKVN
PETLETIKQVDLCNYVSVNGATAHPHIENDGTVYNIGNCFGKNFSIAYNIVKIPPLQADKEDPISKSEIVVQFPCSDRFK
PSYVHSFGLTPNYIVFVETPVKINLFKFLSSWSLWGANYMDCFESNETMGVWLHIADKKRKKYINNKYRTSPFNLFHHIN
TYEDHEFLIVDLCCWKGFEFVYNYLYLANLRENWEEVKKNARKAPQPEVRRYVLPLNIDKADTGKNLVTLPNTTATAILC
SDETIWLEPEVLFSGPRQAFEFPQINYQKYGGKPYTYAYGLGLNHFVPDRLCKLNVKTKETWVWQEPDSYPSEPIFVSHP
DALEEDDGVVLSVVVSPGAGQKPAYLLILNAKDLSEVARAEVEINIPVTFHGLFKKS
;
_entity_poly.pdbx_strand_id   A,B
#
# COMPACT_ATOMS: atom_id res chain seq x y z
N SER A 2 -11.48 6.53 -9.25
CA SER A 2 -10.94 6.30 -10.62
C SER A 2 -11.87 6.90 -11.67
N SER A 3 -11.37 7.07 -12.90
CA SER A 3 -12.14 7.49 -14.10
C SER A 3 -12.93 6.30 -14.64
N GLN A 4 -14.09 6.57 -15.27
CA GLN A 4 -14.94 5.56 -15.94
C GLN A 4 -15.17 5.98 -17.41
N VAL A 5 -14.20 6.69 -17.99
CA VAL A 5 -14.34 7.37 -19.31
C VAL A 5 -13.05 7.21 -20.12
N GLU A 6 -13.17 6.92 -21.41
CA GLU A 6 -12.09 7.00 -22.42
C GLU A 6 -12.22 8.35 -23.14
N HIS A 7 -11.20 8.78 -23.88
CA HIS A 7 -11.14 10.11 -24.54
C HIS A 7 -10.73 9.97 -26.01
N PRO A 8 -11.41 9.10 -26.81
CA PRO A 8 -11.03 8.90 -28.21
C PRO A 8 -11.16 10.16 -29.09
N ALA A 9 -12.04 11.10 -28.73
CA ALA A 9 -12.29 12.37 -29.45
C ALA A 9 -11.11 13.33 -29.30
N GLY A 10 -10.26 13.14 -28.29
CA GLY A 10 -8.98 13.85 -28.12
C GLY A 10 -9.16 15.31 -27.72
N GLY A 11 -10.28 15.64 -27.05
CA GLY A 11 -10.64 17.01 -26.63
C GLY A 11 -9.60 17.64 -25.71
N TYR A 12 -8.86 16.82 -24.96
CA TYR A 12 -7.82 17.25 -23.97
C TYR A 12 -6.71 18.06 -24.65
N LYS A 13 -6.58 17.99 -25.98
CA LYS A 13 -5.57 18.77 -26.76
C LYS A 13 -5.83 20.28 -26.60
N LYS A 14 -7.08 20.68 -26.33
CA LYS A 14 -7.48 22.10 -26.12
C LYS A 14 -6.85 22.66 -24.84
N LEU A 15 -6.39 21.80 -23.92
CA LEU A 15 -5.65 22.21 -22.69
C LEU A 15 -4.33 22.88 -23.07
N PHE A 16 -3.74 22.49 -24.21
CA PHE A 16 -2.36 22.87 -24.62
C PHE A 16 -2.40 23.68 -25.93
N GLU A 17 -3.49 24.43 -26.13
CA GLU A 17 -3.69 25.30 -27.32
C GLU A 17 -3.63 26.76 -26.88
N THR A 18 -2.81 27.56 -27.56
CA THR A 18 -2.64 29.03 -27.32
C THR A 18 -4.01 29.72 -27.32
N VAL A 19 -4.19 30.70 -26.44
CA VAL A 19 -5.40 31.57 -26.35
C VAL A 19 -4.94 33.03 -26.36
N GLU A 20 -5.87 33.94 -26.63
CA GLU A 20 -5.67 35.41 -26.55
C GLU A 20 -6.16 35.89 -25.17
N GLU A 21 -5.45 36.85 -24.57
CA GLU A 21 -5.91 37.54 -23.35
C GLU A 21 -7.12 38.43 -23.69
N LEU A 22 -7.86 38.86 -22.68
CA LEU A 22 -9.03 39.78 -22.81
C LEU A 22 -8.58 41.19 -22.43
N SER A 23 -9.25 42.21 -22.97
CA SER A 23 -9.04 43.64 -22.62
C SER A 23 -9.83 43.98 -21.35
N SER A 24 -11.01 43.36 -21.17
CA SER A 24 -11.88 43.52 -19.98
C SER A 24 -12.64 42.22 -19.70
N PRO A 25 -13.17 42.02 -18.48
CA PRO A 25 -13.87 40.77 -18.15
C PRO A 25 -15.11 40.48 -19.01
N LEU A 26 -15.36 39.19 -19.29
CA LEU A 26 -16.60 38.68 -19.95
C LEU A 26 -17.62 38.28 -18.87
N THR A 27 -18.91 38.33 -19.21
CA THR A 27 -20.00 37.72 -18.42
C THR A 27 -20.00 36.21 -18.67
N ALA A 28 -20.16 35.41 -17.62
CA ALA A 28 -20.27 33.94 -17.68
C ALA A 28 -21.75 33.55 -17.45
N HIS A 29 -22.36 32.89 -18.43
CA HIS A 29 -23.78 32.43 -18.39
C HIS A 29 -23.94 31.38 -17.27
N VAL A 30 -24.67 31.74 -16.22
CA VAL A 30 -24.89 30.88 -15.01
C VAL A 30 -26.07 29.93 -15.27
N THR A 31 -25.85 28.64 -15.04
CA THR A 31 -26.93 27.61 -14.94
CA THR A 31 -26.92 27.60 -14.94
C THR A 31 -26.84 26.97 -13.54
N GLY A 32 -27.98 26.84 -12.87
CA GLY A 32 -28.04 26.53 -11.42
C GLY A 32 -27.95 27.80 -10.60
N ARG A 33 -27.53 27.70 -9.34
CA ARG A 33 -27.49 28.83 -8.38
C ARG A 33 -26.08 28.98 -7.80
N ILE A 34 -25.38 30.07 -8.15
CA ILE A 34 -24.10 30.49 -7.51
C ILE A 34 -24.43 30.91 -6.07
N PRO A 35 -23.87 30.25 -5.04
CA PRO A 35 -24.12 30.64 -3.64
C PRO A 35 -23.88 32.15 -3.42
N LEU A 36 -24.80 32.80 -2.70
CA LEU A 36 -24.80 34.28 -2.50
C LEU A 36 -23.72 34.67 -1.47
N TRP A 37 -23.25 33.72 -0.65
CA TRP A 37 -22.16 33.95 0.33
C TRP A 37 -20.78 33.86 -0.37
N LEU A 38 -20.74 33.39 -1.61
CA LEU A 38 -19.49 33.27 -2.41
C LEU A 38 -19.17 34.64 -3.05
N THR A 39 -18.34 35.44 -2.36
CA THR A 39 -17.95 36.82 -2.76
C THR A 39 -16.43 36.90 -2.79
N GLY A 40 -15.85 37.04 -4.00
CA GLY A 40 -14.40 37.15 -4.20
C GLY A 40 -13.96 36.71 -5.57
N SER A 41 -12.68 36.35 -5.71
CA SER A 41 -11.99 36.05 -6.98
C SER A 41 -11.27 34.70 -6.88
N LEU A 42 -11.58 33.78 -7.80
CA LEU A 42 -10.75 32.58 -8.07
C LEU A 42 -9.62 32.99 -9.02
N LEU A 43 -8.40 33.15 -8.49
CA LEU A 43 -7.17 33.48 -9.26
C LEU A 43 -6.40 32.18 -9.52
N ARG A 44 -6.06 31.90 -10.78
CA ARG A 44 -5.37 30.66 -11.22
C ARG A 44 -4.31 31.00 -12.28
N CYS A 45 -3.20 30.27 -12.27
CA CYS A 45 -2.05 30.44 -13.20
C CYS A 45 -1.90 29.19 -14.06
N GLY A 46 -1.48 29.38 -15.31
CA GLY A 46 -1.19 28.30 -16.28
C GLY A 46 -0.49 28.84 -17.52
N PRO A 47 0.02 27.95 -18.41
CA PRO A 47 0.55 28.38 -19.70
C PRO A 47 -0.60 28.81 -20.61
N GLY A 48 -0.41 29.91 -21.37
CA GLY A 48 -1.41 30.46 -22.30
C GLY A 48 -0.89 30.56 -23.73
N LEU A 49 0.43 30.64 -23.91
CA LEU A 49 1.10 30.80 -25.22
C LEU A 49 2.15 29.68 -25.37
N PHE A 50 1.88 28.72 -26.25
CA PHE A 50 2.65 27.45 -26.38
C PHE A 50 3.62 27.52 -27.57
N GLU A 51 3.70 28.67 -28.24
CA GLU A 51 4.70 28.96 -29.31
C GLU A 51 4.84 30.47 -29.49
N VAL A 52 6.05 30.92 -29.83
CA VAL A 52 6.35 32.33 -30.23
C VAL A 52 6.59 32.33 -31.75
N GLY A 53 5.54 32.62 -32.52
CA GLY A 53 5.54 32.51 -34.00
C GLY A 53 5.66 31.07 -34.43
N SER A 54 6.79 30.71 -35.04
CA SER A 54 7.08 29.36 -35.59
C SER A 54 7.96 28.56 -34.60
N GLU A 55 8.46 29.19 -33.54
CA GLU A 55 9.28 28.54 -32.49
C GLU A 55 8.36 27.92 -31.44
N PRO A 56 8.34 26.58 -31.30
CA PRO A 56 7.47 25.92 -30.33
C PRO A 56 8.10 25.80 -28.92
N PHE A 57 7.27 25.84 -27.88
CA PHE A 57 7.60 25.35 -26.51
C PHE A 57 7.32 23.85 -26.48
N TYR A 58 8.21 23.06 -25.87
CA TYR A 58 8.21 21.58 -25.95
C TYR A 58 7.52 20.94 -24.72
N HIS A 59 7.68 21.53 -23.53
CA HIS A 59 7.23 20.94 -22.24
C HIS A 59 5.97 21.64 -21.71
N LEU A 60 5.19 20.92 -20.89
CA LEU A 60 3.94 21.40 -20.24
C LEU A 60 4.22 22.67 -19.41
N PHE A 61 5.42 22.81 -18.86
CA PHE A 61 5.81 23.88 -17.91
C PHE A 61 6.61 24.99 -18.63
N ASP A 62 6.46 25.12 -19.95
CA ASP A 62 7.23 26.08 -20.80
C ASP A 62 6.34 27.25 -21.25
N GLY A 63 5.07 26.98 -21.56
CA GLY A 63 4.11 28.00 -22.05
C GLY A 63 4.09 29.24 -21.16
N GLN A 64 3.85 30.41 -21.76
CA GLN A 64 4.01 31.72 -21.07
C GLN A 64 2.84 31.94 -20.11
N ALA A 65 3.18 32.37 -18.87
CA ALA A 65 2.25 32.55 -17.73
C ALA A 65 1.02 33.35 -18.16
N LEU A 66 -0.16 32.79 -17.89
CA LEU A 66 -1.49 33.42 -18.10
C LEU A 66 -2.22 33.44 -16.75
N LEU A 67 -2.55 34.64 -16.24
CA LEU A 67 -3.27 34.85 -14.96
C LEU A 67 -4.77 34.93 -15.25
N HIS A 68 -5.54 33.99 -14.70
CA HIS A 68 -7.02 33.86 -14.86
C HIS A 68 -7.72 34.39 -13.61
N LYS A 69 -8.95 34.90 -13.77
CA LYS A 69 -9.79 35.38 -12.63
C LYS A 69 -11.27 35.17 -12.95
N PHE A 70 -11.96 34.38 -12.12
CA PHE A 70 -13.44 34.33 -12.03
C PHE A 70 -13.86 35.14 -10.79
N ASP A 71 -14.63 36.21 -11.00
CA ASP A 71 -15.20 37.06 -9.91
C ASP A 71 -16.62 36.58 -9.61
N PHE A 72 -16.95 36.48 -8.32
CA PHE A 72 -18.28 36.08 -7.81
C PHE A 72 -18.83 37.22 -6.93
N LYS A 73 -20.08 37.62 -7.18
CA LYS A 73 -20.80 38.67 -6.41
C LYS A 73 -22.30 38.56 -6.70
N GLU A 74 -23.11 38.40 -5.65
CA GLU A 74 -24.60 38.41 -5.70
C GLU A 74 -25.09 37.43 -6.79
N GLY A 75 -24.43 36.28 -6.94
CA GLY A 75 -24.87 35.16 -7.79
C GLY A 75 -24.49 35.34 -9.26
N HIS A 76 -23.68 36.35 -9.58
CA HIS A 76 -23.20 36.66 -10.96
C HIS A 76 -21.71 36.34 -11.05
N VAL A 77 -21.22 35.97 -12.25
CA VAL A 77 -19.81 35.54 -12.49
C VAL A 77 -19.27 36.26 -13.73
N THR A 78 -18.07 36.82 -13.64
CA THR A 78 -17.27 37.34 -14.78
C THR A 78 -15.98 36.51 -14.90
N TYR A 79 -15.43 36.43 -16.11
CA TYR A 79 -14.13 35.79 -16.42
C TYR A 79 -13.20 36.81 -17.08
N HIS A 80 -11.96 36.86 -16.63
CA HIS A 80 -10.89 37.74 -17.15
C HIS A 80 -9.55 36.99 -17.15
N ARG A 81 -8.70 37.25 -18.13
CA ARG A 81 -7.32 36.68 -18.20
C ARG A 81 -6.39 37.68 -18.87
N ARG A 82 -5.17 37.80 -18.34
CA ARG A 82 -4.07 38.63 -18.87
C ARG A 82 -2.77 37.82 -18.78
N PHE A 83 -1.96 37.84 -19.82
CA PHE A 83 -0.57 37.29 -19.79
C PHE A 83 0.23 38.12 -18.79
N ILE A 84 1.05 37.47 -17.97
CA ILE A 84 1.95 38.13 -16.98
C ILE A 84 3.11 38.73 -17.79
N ARG A 85 3.35 40.04 -17.62
CA ARG A 85 4.45 40.77 -18.31
C ARG A 85 5.77 40.46 -17.59
N THR A 86 6.23 39.22 -17.73
CA THR A 86 7.54 38.72 -17.24
C THR A 86 8.62 39.14 -18.23
N ASP A 87 9.89 39.10 -17.83
CA ASP A 87 11.06 39.26 -18.74
C ASP A 87 10.91 38.28 -19.91
N ALA A 88 10.55 37.02 -19.62
CA ALA A 88 10.37 35.94 -20.62
C ALA A 88 9.34 36.37 -21.67
N TYR A 89 8.17 36.86 -21.24
CA TYR A 89 7.04 37.23 -22.13
C TYR A 89 7.36 38.53 -22.89
N VAL A 90 7.77 39.57 -22.16
CA VAL A 90 8.06 40.93 -22.70
C VAL A 90 9.12 40.81 -23.81
N ARG A 91 10.23 40.12 -23.53
CA ARG A 91 11.38 39.99 -24.46
C ARG A 91 11.00 39.09 -25.65
N ALA A 92 10.11 38.12 -25.44
CA ALA A 92 9.58 37.23 -26.51
C ALA A 92 8.73 38.05 -27.49
N MET A 93 7.88 38.94 -26.97
CA MET A 93 7.00 39.82 -27.79
C MET A 93 7.85 40.85 -28.53
N THR A 94 8.90 41.37 -27.88
CA THR A 94 9.85 42.37 -28.43
C THR A 94 10.63 41.78 -29.61
N GLU A 95 11.30 40.64 -29.40
CA GLU A 95 12.22 40.03 -30.40
C GLU A 95 11.49 39.03 -31.30
N LYS A 96 10.20 38.77 -31.04
CA LYS A 96 9.33 37.85 -31.83
C LYS A 96 9.97 36.46 -31.94
N ARG A 97 10.57 35.96 -30.85
CA ARG A 97 11.20 34.63 -30.75
C ARG A 97 11.28 34.22 -29.28
N ILE A 98 11.74 32.99 -28.99
CA ILE A 98 12.00 32.50 -27.61
C ILE A 98 13.36 33.03 -27.17
N VAL A 99 13.39 33.94 -26.19
CA VAL A 99 14.61 34.65 -25.71
C VAL A 99 15.17 33.94 -24.48
N ILE A 100 14.33 33.65 -23.49
CA ILE A 100 14.72 32.99 -22.21
C ILE A 100 14.48 31.49 -22.34
N THR A 101 15.44 30.68 -21.89
CA THR A 101 15.35 29.20 -21.80
C THR A 101 14.27 28.83 -20.76
N GLU A 102 13.27 28.06 -21.17
CA GLU A 102 12.20 27.54 -20.26
C GLU A 102 12.60 26.12 -19.80
N PHE A 103 11.81 25.57 -18.88
CA PHE A 103 12.05 24.25 -18.22
C PHE A 103 12.55 23.22 -19.24
N GLY A 104 11.82 23.03 -20.35
CA GLY A 104 12.11 22.01 -21.36
C GLY A 104 12.23 22.57 -22.78
N THR A 105 12.62 23.83 -22.92
CA THR A 105 12.81 24.51 -24.23
C THR A 105 14.02 25.45 -24.15
N CYS A 106 15.11 25.10 -24.85
N CYS A 106 15.11 25.10 -24.85
CA CYS A 106 16.34 25.93 -24.95
CA CYS A 106 16.34 25.92 -24.97
C CYS A 106 16.08 27.12 -25.89
C CYS A 106 16.08 27.12 -25.89
N ALA A 107 16.61 28.30 -25.55
CA ALA A 107 16.61 29.51 -26.39
C ALA A 107 17.95 29.58 -27.12
N PHE A 108 17.94 29.95 -28.41
CA PHE A 108 19.14 30.12 -29.27
C PHE A 108 19.21 31.57 -29.76
N GLU A 127 20.60 33.58 -17.83
CA GLU A 127 19.30 34.27 -17.69
C GLU A 127 18.23 33.27 -17.25
N VAL A 128 17.91 33.24 -15.96
CA VAL A 128 16.92 32.30 -15.33
C VAL A 128 15.51 32.79 -15.67
N THR A 129 14.61 31.86 -16.04
CA THR A 129 13.20 32.16 -16.40
C THR A 129 12.45 32.70 -15.18
N ASP A 130 11.57 33.68 -15.41
CA ASP A 130 10.62 34.25 -14.42
C ASP A 130 9.19 34.00 -14.91
N ASN A 131 9.02 33.02 -15.81
CA ASN A 131 7.71 32.59 -16.36
C ASN A 131 6.87 32.00 -15.22
N ALA A 132 6.06 32.84 -14.56
CA ALA A 132 5.31 32.53 -13.32
C ALA A 132 3.98 31.85 -13.64
N LEU A 133 4.04 30.64 -14.22
CA LEU A 133 2.85 29.95 -14.80
C LEU A 133 2.24 28.95 -13.80
N VAL A 134 2.82 28.80 -12.61
CA VAL A 134 2.54 27.65 -11.69
C VAL A 134 1.49 28.04 -10.64
N ASN A 135 1.73 29.08 -9.85
CA ASN A 135 0.84 29.43 -8.69
C ASN A 135 0.85 30.94 -8.44
N ILE A 136 -0.02 31.39 -7.54
CA ILE A 136 -0.12 32.78 -7.01
C ILE A 136 -0.40 32.69 -5.51
N TYR A 137 0.28 33.50 -4.69
CA TYR A 137 0.11 33.48 -3.21
C TYR A 137 0.28 34.88 -2.62
N PRO A 138 -0.40 35.16 -1.48
CA PRO A 138 -0.27 36.44 -0.79
C PRO A 138 0.99 36.57 0.08
N VAL A 139 1.60 37.76 0.05
CA VAL A 139 2.66 38.23 0.99
C VAL A 139 2.28 39.65 1.42
N GLY A 140 2.06 39.88 2.71
CA GLY A 140 1.46 41.12 3.24
C GLY A 140 0.14 41.42 2.52
N GLU A 141 0.01 42.61 1.94
CA GLU A 141 -1.19 43.06 1.17
C GLU A 141 -1.00 42.79 -0.32
N ASP A 142 0.11 42.16 -0.71
CA ASP A 142 0.50 41.93 -2.13
C ASP A 142 0.22 40.48 -2.52
N TYR A 143 0.07 40.21 -3.82
CA TYR A 143 -0.06 38.86 -4.42
C TYR A 143 1.06 38.66 -5.44
N TYR A 144 1.69 37.49 -5.40
CA TYR A 144 2.84 37.09 -6.26
C TYR A 144 2.49 35.83 -7.04
N ALA A 145 2.47 35.93 -8.37
CA ALA A 145 2.57 34.78 -9.30
C ALA A 145 4.01 34.26 -9.24
N CYS A 146 4.20 32.94 -9.33
CA CYS A 146 5.51 32.29 -9.19
C CYS A 146 5.65 31.08 -10.12
N THR A 147 6.90 30.73 -10.44
CA THR A 147 7.33 29.40 -10.89
C THR A 147 8.15 28.80 -9.73
N GLU A 148 9.33 28.22 -10.01
CA GLU A 148 10.15 27.53 -8.98
C GLU A 148 11.57 28.09 -8.97
N THR A 149 11.76 29.30 -9.51
CA THR A 149 13.08 29.99 -9.64
C THR A 149 13.18 31.07 -8.55
N ASN A 150 14.23 31.89 -8.62
CA ASN A 150 14.50 33.01 -7.67
C ASN A 150 13.58 34.19 -7.98
N PHE A 151 12.95 34.22 -9.16
CA PHE A 151 12.11 35.33 -9.65
C PHE A 151 10.62 35.05 -9.39
N ILE A 152 9.97 35.90 -8.60
CA ILE A 152 8.50 35.93 -8.41
C ILE A 152 7.98 37.28 -8.92
N THR A 153 6.73 37.32 -9.39
CA THR A 153 6.12 38.48 -10.09
C THR A 153 4.93 39.01 -9.29
N LYS A 154 5.07 40.21 -8.73
CA LYS A 154 3.96 40.94 -8.05
C LYS A 154 2.90 41.28 -9.11
N VAL A 155 1.64 40.95 -8.84
CA VAL A 155 0.49 41.15 -9.78
C VAL A 155 -0.65 41.83 -9.02
N ASN A 156 -1.47 42.60 -9.74
CA ASN A 156 -2.68 43.27 -9.22
C ASN A 156 -3.84 42.27 -9.30
N PRO A 157 -4.40 41.81 -8.16
CA PRO A 157 -5.42 40.77 -8.18
C PRO A 157 -6.78 41.22 -8.73
N GLU A 158 -7.00 42.53 -8.88
CA GLU A 158 -8.26 43.13 -9.40
C GLU A 158 -8.18 43.32 -10.92
N THR A 159 -7.07 43.88 -11.42
CA THR A 159 -6.88 44.27 -12.84
C THR A 159 -6.08 43.19 -13.60
N LEU A 160 -5.36 42.34 -12.87
CA LEU A 160 -4.46 41.28 -13.42
C LEU A 160 -3.26 41.92 -14.12
N GLU A 161 -2.93 43.17 -13.76
CA GLU A 161 -1.74 43.89 -14.29
C GLU A 161 -0.48 43.37 -13.58
N THR A 162 0.63 43.26 -14.31
CA THR A 162 1.96 42.93 -13.77
C THR A 162 2.55 44.19 -13.13
N ILE A 163 2.93 44.12 -11.85
CA ILE A 163 3.43 45.30 -11.08
C ILE A 163 4.96 45.33 -11.13
N LYS A 164 5.63 44.26 -10.70
CA LYS A 164 7.11 44.21 -10.70
C LYS A 164 7.63 42.77 -10.59
N GLN A 165 8.91 42.60 -10.96
CA GLN A 165 9.71 41.37 -10.76
C GLN A 165 10.49 41.50 -9.45
N VAL A 166 10.45 40.47 -8.61
CA VAL A 166 11.22 40.40 -7.33
C VAL A 166 12.22 39.24 -7.44
N ASP A 167 13.50 39.52 -7.16
CA ASP A 167 14.58 38.52 -7.09
C ASP A 167 14.81 38.17 -5.61
N LEU A 168 14.44 36.95 -5.21
CA LEU A 168 14.55 36.46 -3.80
C LEU A 168 16.02 36.46 -3.36
N CYS A 169 16.97 36.31 -4.31
CA CYS A 169 18.43 36.30 -4.06
C CYS A 169 18.90 37.65 -3.49
N ASN A 170 18.15 38.74 -3.73
CA ASN A 170 18.44 40.09 -3.17
C ASN A 170 18.18 40.11 -1.66
N TYR A 171 17.42 39.15 -1.13
CA TYR A 171 16.87 39.18 0.26
C TYR A 171 17.41 38.01 1.10
N VAL A 172 17.49 36.80 0.53
CA VAL A 172 17.87 35.56 1.28
C VAL A 172 18.73 34.66 0.39
N SER A 173 19.49 33.76 1.01
CA SER A 173 20.43 32.82 0.36
C SER A 173 19.67 31.57 -0.11
N VAL A 174 19.01 31.66 -1.28
CA VAL A 174 18.40 30.51 -1.99
C VAL A 174 18.56 30.74 -3.50
N ASN A 175 18.78 29.66 -4.27
CA ASN A 175 18.90 29.68 -5.75
C ASN A 175 17.51 29.62 -6.38
N GLY A 176 16.50 29.23 -5.59
CA GLY A 176 15.08 29.20 -5.98
C GLY A 176 14.18 28.94 -4.79
N ALA A 177 12.87 28.94 -5.01
CA ALA A 177 11.84 28.56 -4.01
C ALA A 177 10.67 27.89 -4.74
N THR A 178 9.96 27.00 -4.06
CA THR A 178 8.83 26.21 -4.63
C THR A 178 7.65 27.16 -4.92
N ALA A 179 6.69 26.67 -5.70
CA ALA A 179 5.42 27.38 -6.00
C ALA A 179 4.36 27.01 -4.94
N HIS A 180 4.78 26.37 -3.84
CA HIS A 180 3.88 25.88 -2.76
C HIS A 180 4.38 26.34 -1.40
N PRO A 181 4.48 27.67 -1.15
CA PRO A 181 4.76 28.17 0.19
C PRO A 181 3.56 27.89 1.11
N HIS A 182 3.83 27.57 2.37
CA HIS A 182 2.80 27.48 3.44
C HIS A 182 2.55 28.88 3.99
N ILE A 183 1.28 29.18 4.30
CA ILE A 183 0.83 30.52 4.78
C ILE A 183 0.02 30.31 6.06
N GLU A 184 0.57 30.70 7.21
CA GLU A 184 -0.11 30.66 8.53
C GLU A 184 -1.21 31.73 8.55
N ASN A 185 -2.15 31.64 9.50
CA ASN A 185 -3.37 32.48 9.54
C ASN A 185 -3.01 33.94 9.81
N ASP A 186 -1.86 34.22 10.43
CA ASP A 186 -1.38 35.59 10.73
C ASP A 186 -0.75 36.23 9.48
N GLY A 187 -0.46 35.43 8.45
CA GLY A 187 0.08 35.90 7.16
C GLY A 187 1.54 35.55 6.96
N THR A 188 2.19 34.97 7.97
CA THR A 188 3.58 34.44 7.90
C THR A 188 3.67 33.44 6.74
N VAL A 189 4.69 33.58 5.89
CA VAL A 189 4.93 32.71 4.70
C VAL A 189 6.19 31.89 4.95
N TYR A 190 6.09 30.57 4.78
CA TYR A 190 7.22 29.61 4.81
C TYR A 190 7.39 29.03 3.41
N ASN A 191 8.64 28.85 2.98
CA ASN A 191 8.98 28.19 1.70
C ASN A 191 10.33 27.48 1.85
N ILE A 192 10.68 26.62 0.89
CA ILE A 192 11.96 25.86 0.86
C ILE A 192 12.61 26.05 -0.51
N GLY A 193 13.94 26.04 -0.55
CA GLY A 193 14.73 26.21 -1.79
C GLY A 193 16.12 25.63 -1.66
N ASN A 194 16.70 25.19 -2.78
CA ASN A 194 18.11 24.73 -2.88
C ASN A 194 19.03 25.93 -2.61
N CYS A 195 20.21 25.69 -2.04
N CYS A 195 20.21 25.69 -2.04
CA CYS A 195 21.25 26.72 -1.75
CA CYS A 195 21.25 26.72 -1.75
C CYS A 195 22.64 26.14 -2.00
C CYS A 195 22.64 26.14 -2.00
N PHE A 196 23.40 26.73 -2.93
CA PHE A 196 24.77 26.31 -3.33
C PHE A 196 25.80 27.13 -2.55
N ILE A 202 26.20 22.24 -0.37
CA ILE A 202 24.78 22.24 -0.86
C ILE A 202 23.86 21.88 0.32
N ALA A 203 22.73 22.59 0.45
CA ALA A 203 21.69 22.34 1.49
C ALA A 203 20.32 22.80 0.96
N TYR A 204 19.27 22.60 1.76
CA TYR A 204 17.90 23.14 1.51
C TYR A 204 17.56 24.11 2.65
N ASN A 205 17.25 25.36 2.32
CA ASN A 205 16.96 26.45 3.30
C ASN A 205 15.45 26.68 3.37
N ILE A 206 14.90 26.75 4.59
CA ILE A 206 13.51 27.22 4.86
C ILE A 206 13.56 28.74 4.98
N VAL A 207 12.82 29.45 4.12
CA VAL A 207 12.66 30.93 4.15
C VAL A 207 11.40 31.24 4.96
N LYS A 208 11.49 32.23 5.85
CA LYS A 208 10.33 32.79 6.62
C LYS A 208 10.16 34.26 6.22
N ILE A 209 9.02 34.60 5.62
CA ILE A 209 8.58 35.99 5.34
C ILE A 209 7.54 36.35 6.40
N PRO A 210 7.78 37.37 7.25
CA PRO A 210 6.86 37.72 8.33
C PRO A 210 5.59 38.39 7.82
N PRO A 211 4.54 38.51 8.68
CA PRO A 211 3.36 39.30 8.32
C PRO A 211 3.71 40.79 8.18
N LEU A 212 2.85 41.55 7.50
CA LEU A 212 2.97 43.04 7.39
C LEU A 212 2.89 43.63 8.81
N GLN A 213 3.89 44.43 9.19
CA GLN A 213 3.97 45.10 10.52
C GLN A 213 3.34 46.50 10.43
N ALA A 214 3.36 47.25 11.53
CA ALA A 214 2.80 48.62 11.64
C ALA A 214 3.56 49.59 10.73
N ASP A 215 4.87 49.38 10.55
CA ASP A 215 5.75 50.26 9.72
C ASP A 215 5.32 50.21 8.26
N LYS A 216 4.61 49.15 7.85
CA LYS A 216 3.97 48.99 6.51
C LYS A 216 5.03 48.79 5.41
N GLU A 217 6.25 48.42 5.78
N GLU A 217 6.26 48.43 5.78
CA GLU A 217 7.36 48.16 4.82
CA GLU A 217 7.38 48.15 4.84
C GLU A 217 7.19 46.76 4.22
C GLU A 217 7.18 46.76 4.22
N ASP A 218 7.81 46.52 3.06
CA ASP A 218 7.70 45.24 2.30
C ASP A 218 8.15 44.09 3.19
N PRO A 219 7.27 43.12 3.52
CA PRO A 219 7.66 41.96 4.33
C PRO A 219 8.83 41.14 3.76
N ILE A 220 9.03 41.16 2.44
CA ILE A 220 10.11 40.40 1.74
C ILE A 220 11.48 40.95 2.19
N SER A 221 11.57 42.25 2.50
CA SER A 221 12.80 42.91 2.99
C SER A 221 13.15 42.43 4.41
N LYS A 222 12.21 41.75 5.10
CA LYS A 222 12.41 41.15 6.44
C LYS A 222 12.54 39.63 6.35
N SER A 223 12.74 39.08 5.15
CA SER A 223 12.94 37.63 4.90
C SER A 223 14.19 37.15 5.64
N GLU A 224 14.18 35.88 6.10
CA GLU A 224 15.33 35.24 6.79
C GLU A 224 15.26 33.72 6.63
N ILE A 225 16.42 33.06 6.67
CA ILE A 225 16.55 31.58 6.75
C ILE A 225 16.41 31.19 8.23
N VAL A 226 15.42 30.35 8.56
CA VAL A 226 15.14 29.91 9.96
C VAL A 226 15.87 28.59 10.24
N VAL A 227 15.87 27.66 9.28
CA VAL A 227 16.50 26.32 9.46
C VAL A 227 17.02 25.79 8.12
N GLN A 228 18.03 24.93 8.17
CA GLN A 228 18.69 24.30 7.00
C GLN A 228 18.55 22.78 7.10
N PHE A 229 18.13 22.13 6.02
CA PHE A 229 18.12 20.66 5.85
C PHE A 229 19.38 20.23 5.11
N PRO A 230 20.03 19.11 5.51
CA PRO A 230 21.21 18.62 4.81
C PRO A 230 20.82 17.92 3.50
N CYS A 231 21.80 17.70 2.61
N CYS A 231 21.80 17.70 2.61
CA CYS A 231 21.63 17.01 1.30
CA CYS A 231 21.63 17.01 1.30
C CYS A 231 22.26 15.62 1.36
C CYS A 231 22.26 15.62 1.36
N SER A 232 21.63 14.65 0.70
CA SER A 232 22.08 13.23 0.61
C SER A 232 23.37 13.15 -0.22
N ASP A 233 23.46 14.00 -1.25
CA ASP A 233 24.62 14.08 -2.18
C ASP A 233 25.23 15.48 -2.06
N ARG A 234 26.56 15.55 -1.91
CA ARG A 234 27.32 16.80 -1.69
C ARG A 234 27.14 17.77 -2.86
N PHE A 235 27.04 17.26 -4.10
CA PHE A 235 27.05 18.06 -5.35
C PHE A 235 25.72 17.96 -6.11
N LYS A 236 24.74 17.20 -5.61
CA LYS A 236 23.45 16.96 -6.33
C LYS A 236 22.28 17.11 -5.37
N PRO A 237 21.59 18.27 -5.34
CA PRO A 237 20.37 18.43 -4.56
C PRO A 237 19.18 17.73 -5.23
N SER A 238 18.24 17.24 -4.42
CA SER A 238 16.95 16.66 -4.90
C SER A 238 16.06 17.79 -5.41
N TYR A 239 15.27 17.51 -6.45
CA TYR A 239 14.12 18.36 -6.87
C TYR A 239 13.12 18.39 -5.72
N VAL A 240 12.68 19.59 -5.33
CA VAL A 240 11.67 19.79 -4.24
C VAL A 240 10.56 20.68 -4.80
N HIS A 241 9.32 20.18 -4.76
CA HIS A 241 8.11 20.84 -5.33
C HIS A 241 7.25 21.43 -4.20
N SER A 242 7.24 20.78 -3.04
CA SER A 242 6.43 21.18 -1.84
C SER A 242 7.08 20.62 -0.57
N PHE A 243 6.53 20.98 0.58
CA PHE A 243 7.01 20.52 1.92
C PHE A 243 5.83 20.55 2.89
N GLY A 244 5.99 19.90 4.05
CA GLY A 244 4.97 19.82 5.10
C GLY A 244 5.24 20.81 6.22
N LEU A 245 4.17 21.36 6.81
CA LEU A 245 4.27 22.32 7.96
C LEU A 245 3.16 22.02 8.96
N THR A 246 3.52 21.90 10.24
CA THR A 246 2.61 21.81 11.40
C THR A 246 2.89 23.01 12.29
N PRO A 247 2.12 23.25 13.37
CA PRO A 247 2.44 24.33 14.30
C PRO A 247 3.89 24.24 14.83
N ASN A 248 4.41 23.03 15.03
CA ASN A 248 5.68 22.78 15.75
C ASN A 248 6.78 22.21 14.83
N TYR A 249 6.45 21.71 13.64
CA TYR A 249 7.42 20.96 12.80
C TYR A 249 7.33 21.36 11.33
N ILE A 250 8.47 21.23 10.65
CA ILE A 250 8.65 21.32 9.16
C ILE A 250 9.05 19.92 8.69
N VAL A 251 8.36 19.38 7.68
CA VAL A 251 8.68 18.06 7.06
C VAL A 251 9.16 18.31 5.63
N PHE A 252 10.33 17.77 5.29
CA PHE A 252 10.95 17.83 3.94
C PHE A 252 11.21 16.40 3.46
N VAL A 253 10.75 16.06 2.26
CA VAL A 253 10.90 14.72 1.62
C VAL A 253 11.95 14.82 0.52
N GLU A 254 13.12 14.22 0.71
CA GLU A 254 14.25 14.20 -0.25
C GLU A 254 14.11 12.97 -1.15
N THR A 255 13.74 13.17 -2.41
CA THR A 255 13.41 12.11 -3.40
C THR A 255 14.66 11.74 -4.21
N PRO A 256 14.65 10.58 -4.91
CA PRO A 256 15.78 10.20 -5.76
C PRO A 256 15.91 10.99 -7.07
N VAL A 257 15.01 11.94 -7.34
CA VAL A 257 15.08 12.87 -8.51
C VAL A 257 16.09 13.97 -8.18
N LYS A 258 17.29 13.89 -8.77
CA LYS A 258 18.44 14.78 -8.44
C LYS A 258 18.68 15.78 -9.58
N ILE A 259 19.19 16.96 -9.22
CA ILE A 259 19.68 18.02 -10.17
C ILE A 259 21.19 17.88 -10.26
N ASN A 260 21.71 17.58 -11.46
CA ASN A 260 23.17 17.42 -11.71
C ASN A 260 23.77 18.80 -11.98
N LEU A 261 24.48 19.36 -11.00
CA LEU A 261 25.03 20.75 -11.04
C LEU A 261 26.20 20.83 -12.02
N PHE A 262 26.90 19.71 -12.27
CA PHE A 262 28.00 19.61 -13.27
C PHE A 262 27.43 19.90 -14.66
N LYS A 263 26.32 19.24 -15.02
CA LYS A 263 25.60 19.44 -16.31
C LYS A 263 24.91 20.81 -16.32
N PHE A 264 24.48 21.30 -15.15
CA PHE A 264 23.71 22.58 -14.97
C PHE A 264 24.55 23.76 -15.45
N LEU A 265 25.84 23.81 -15.10
CA LEU A 265 26.78 24.89 -15.47
C LEU A 265 27.59 24.46 -16.71
N SER A 266 26.90 24.33 -17.85
CA SER A 266 27.47 23.93 -19.17
C SER A 266 26.73 24.67 -20.29
N GLY A 272 23.52 24.08 -25.64
CA GLY A 272 22.06 24.15 -25.87
C GLY A 272 21.29 23.26 -24.91
N ALA A 273 21.52 23.41 -23.60
CA ALA A 273 20.88 22.63 -22.52
C ALA A 273 19.73 23.43 -21.90
N ASN A 274 18.67 22.72 -21.49
CA ASN A 274 17.53 23.28 -20.71
C ASN A 274 17.59 22.68 -19.29
N TYR A 275 16.58 22.94 -18.46
CA TYR A 275 16.52 22.48 -17.05
C TYR A 275 16.30 20.97 -17.00
N MET A 276 15.39 20.44 -17.83
CA MET A 276 15.06 18.99 -17.93
C MET A 276 16.34 18.16 -18.16
N ASP A 277 17.28 18.67 -18.97
CA ASP A 277 18.53 17.97 -19.35
C ASP A 277 19.41 17.71 -18.12
N CYS A 278 19.21 18.44 -17.03
CA CYS A 278 20.09 18.42 -15.83
C CYS A 278 19.56 17.46 -14.75
N PHE A 279 18.34 16.93 -14.91
CA PHE A 279 17.72 15.98 -13.95
C PHE A 279 18.23 14.56 -14.24
N GLU A 280 18.49 13.80 -13.17
CA GLU A 280 18.82 12.35 -13.23
C GLU A 280 18.21 11.66 -12.00
N SER A 281 18.13 10.33 -12.03
CA SER A 281 17.52 9.50 -10.95
C SER A 281 18.63 8.75 -10.20
N ASN A 282 18.68 8.91 -8.88
CA ASN A 282 19.54 8.10 -7.97
C ASN A 282 18.81 6.79 -7.69
N GLU A 283 19.37 5.66 -8.12
CA GLU A 283 18.70 4.34 -8.12
C GLU A 283 18.74 3.70 -6.73
N THR A 284 19.73 4.03 -5.90
CA THR A 284 20.05 3.28 -4.65
C THR A 284 19.53 4.00 -3.38
N MET A 285 19.40 5.34 -3.39
CA MET A 285 19.16 6.12 -2.14
C MET A 285 17.72 5.94 -1.64
N GLY A 286 16.76 5.64 -2.52
CA GLY A 286 15.32 5.63 -2.18
C GLY A 286 14.85 7.02 -1.78
N VAL A 287 13.99 7.14 -0.77
CA VAL A 287 13.48 8.45 -0.26
C VAL A 287 13.96 8.64 1.18
N TRP A 288 14.57 9.80 1.45
CA TRP A 288 14.97 10.27 2.80
C TRP A 288 13.95 11.31 3.27
N LEU A 289 13.31 11.09 4.43
CA LEU A 289 12.37 12.08 5.04
C LEU A 289 13.10 12.81 6.17
N HIS A 290 12.85 14.11 6.30
CA HIS A 290 13.55 15.05 7.22
C HIS A 290 12.52 15.87 7.99
N ILE A 291 12.71 16.03 9.30
N ILE A 291 12.71 16.03 9.30
CA ILE A 291 11.89 16.91 10.16
CA ILE A 291 11.89 16.91 10.17
C ILE A 291 12.81 17.96 10.81
C ILE A 291 12.81 17.95 10.81
N ALA A 292 12.32 19.19 10.96
CA ALA A 292 12.97 20.28 11.71
C ALA A 292 11.98 20.82 12.75
N ASP A 293 12.49 21.20 13.92
CA ASP A 293 11.72 21.94 14.95
C ASP A 293 11.51 23.37 14.45
N LYS A 294 10.25 23.76 14.23
CA LYS A 294 9.88 25.07 13.63
C LYS A 294 10.24 26.21 14.60
N LYS A 295 9.86 26.07 15.88
CA LYS A 295 9.92 27.15 16.90
C LYS A 295 11.36 27.26 17.45
N ARG A 296 12.07 26.14 17.60
CA ARG A 296 13.47 26.10 18.09
C ARG A 296 14.45 26.26 16.91
N LYS A 297 13.94 26.23 15.67
CA LYS A 297 14.70 26.50 14.44
C LYS A 297 15.92 25.57 14.36
N LYS A 298 15.70 24.26 14.56
CA LYS A 298 16.78 23.25 14.67
C LYS A 298 16.39 21.99 13.86
N TYR A 299 17.32 21.49 13.05
CA TYR A 299 17.19 20.20 12.31
C TYR A 299 17.28 19.04 13.31
N ILE A 300 16.40 18.05 13.18
CA ILE A 300 16.39 16.81 14.02
C ILE A 300 17.06 15.69 13.23
N ASN A 301 18.10 15.07 13.81
N ASN A 301 18.09 15.07 13.82
CA ASN A 301 18.95 14.05 13.15
CA ASN A 301 18.95 14.04 13.17
C ASN A 301 18.28 12.67 13.27
C ASN A 301 18.28 12.67 13.27
N ASN A 302 17.05 12.55 12.75
CA ASN A 302 16.30 11.26 12.63
C ASN A 302 16.39 10.80 11.18
N LYS A 303 17.04 9.66 10.92
CA LYS A 303 17.32 9.15 9.55
C LYS A 303 16.14 8.31 9.08
N TYR A 304 15.02 8.96 8.74
CA TYR A 304 13.81 8.32 8.15
C TYR A 304 14.12 7.91 6.71
N ARG A 305 13.83 6.66 6.36
CA ARG A 305 14.15 6.06 5.04
C ARG A 305 12.95 5.25 4.53
N THR A 306 12.73 5.25 3.21
CA THR A 306 11.72 4.37 2.56
C THR A 306 12.09 4.16 1.09
N SER A 307 11.26 3.41 0.37
N SER A 307 11.26 3.41 0.37
CA SER A 307 11.45 3.01 -1.05
CA SER A 307 11.44 3.02 -1.05
C SER A 307 11.32 4.24 -1.96
C SER A 307 11.32 4.24 -1.96
N PRO A 308 11.87 4.19 -3.19
CA PRO A 308 11.83 5.35 -4.08
C PRO A 308 10.44 5.70 -4.62
N PHE A 309 10.13 7.00 -4.62
CA PHE A 309 8.95 7.60 -5.31
C PHE A 309 9.27 9.04 -5.71
N ASN A 310 8.61 9.54 -6.75
CA ASN A 310 8.50 11.00 -7.04
C ASN A 310 7.46 11.57 -6.07
N LEU A 311 7.67 12.79 -5.59
CA LEU A 311 6.68 13.56 -4.79
C LEU A 311 6.63 14.98 -5.34
N PHE A 312 5.42 15.45 -5.67
CA PHE A 312 5.15 16.86 -6.06
C PHE A 312 4.35 17.52 -4.94
N HIS A 313 3.23 16.92 -4.53
CA HIS A 313 2.25 17.55 -3.61
C HIS A 313 2.11 16.76 -2.31
N HIS A 314 2.54 17.37 -1.20
CA HIS A 314 2.00 17.12 0.16
C HIS A 314 0.50 17.42 0.14
N ILE A 315 -0.31 16.56 0.77
CA ILE A 315 -1.78 16.80 0.95
C ILE A 315 -1.95 17.65 2.22
N ASN A 316 -1.46 17.13 3.35
CA ASN A 316 -1.51 17.79 4.67
C ASN A 316 -0.56 17.04 5.61
N THR A 317 -0.07 17.72 6.64
CA THR A 317 0.78 17.17 7.73
C THR A 317 0.15 17.57 9.06
N TYR A 318 0.20 16.72 10.08
CA TYR A 318 -0.27 17.07 11.43
C TYR A 318 0.41 16.20 12.49
N GLU A 319 0.30 16.66 13.74
CA GLU A 319 0.90 16.03 14.95
C GLU A 319 -0.20 15.18 15.63
N ASP A 320 0.17 13.98 16.07
CA ASP A 320 -0.74 13.05 16.79
C ASP A 320 0.11 12.27 17.80
N HIS A 321 0.10 12.69 19.06
CA HIS A 321 0.76 12.02 20.22
C HIS A 321 2.23 11.74 19.91
N GLU A 322 3.01 12.76 19.52
CA GLU A 322 4.47 12.64 19.27
C GLU A 322 4.74 11.77 18.03
N PHE A 323 3.82 11.77 17.08
CA PHE A 323 4.00 11.23 15.70
C PHE A 323 3.58 12.30 14.70
N LEU A 324 4.32 12.44 13.60
CA LEU A 324 3.93 13.30 12.45
C LEU A 324 3.21 12.42 11.41
N ILE A 325 1.95 12.77 11.11
CA ILE A 325 1.14 12.16 10.02
C ILE A 325 1.44 12.93 8.74
N VAL A 326 2.02 12.25 7.74
CA VAL A 326 2.53 12.87 6.48
C VAL A 326 1.77 12.26 5.31
N ASP A 327 0.73 12.94 4.83
CA ASP A 327 -0.12 12.50 3.69
C ASP A 327 0.47 13.07 2.39
N LEU A 328 0.81 12.18 1.46
CA LEU A 328 1.56 12.51 0.21
C LEU A 328 0.81 11.97 -1.02
N CYS A 329 0.85 12.72 -2.12
CA CYS A 329 0.56 12.23 -3.50
C CYS A 329 1.87 11.71 -4.11
N CYS A 330 2.03 10.39 -4.17
CA CYS A 330 3.29 9.71 -4.56
C CYS A 330 3.16 9.16 -6.00
N TRP A 331 4.31 8.99 -6.65
CA TRP A 331 4.49 8.26 -7.93
C TRP A 331 5.54 7.17 -7.71
N LYS A 332 5.14 5.90 -7.78
CA LYS A 332 5.98 4.72 -7.40
C LYS A 332 7.03 4.48 -8.48
N GLY A 333 8.30 4.74 -8.16
CA GLY A 333 9.46 4.65 -9.08
C GLY A 333 10.40 5.82 -8.88
N PHE A 334 11.62 5.76 -9.43
CA PHE A 334 12.62 6.85 -9.32
C PHE A 334 12.74 7.63 -10.64
N GLU A 335 12.19 7.12 -11.75
CA GLU A 335 12.16 7.86 -13.04
C GLU A 335 11.34 9.14 -12.84
N PHE A 336 11.82 10.27 -13.37
CA PHE A 336 11.19 11.60 -13.25
C PHE A 336 9.89 11.61 -14.05
N VAL A 337 8.76 11.85 -13.38
CA VAL A 337 7.38 11.83 -13.97
C VAL A 337 7.27 12.92 -15.04
N TYR A 338 8.05 14.00 -14.92
CA TYR A 338 8.06 15.16 -15.86
C TYR A 338 8.49 14.71 -17.26
N ASN A 339 9.21 13.58 -17.38
CA ASN A 339 9.62 12.96 -18.67
C ASN A 339 8.38 12.65 -19.53
N TYR A 340 7.20 12.47 -18.91
CA TYR A 340 5.95 12.05 -19.60
C TYR A 340 5.05 13.27 -19.88
N LEU A 341 5.55 14.49 -19.63
CA LEU A 341 4.72 15.73 -19.72
C LEU A 341 5.26 16.68 -20.81
N TYR A 342 5.86 16.15 -21.87
CA TYR A 342 6.17 16.91 -23.12
C TYR A 342 4.86 17.07 -23.90
N LEU A 343 4.65 18.24 -24.51
CA LEU A 343 3.37 18.63 -25.17
C LEU A 343 3.09 17.68 -26.35
N ALA A 344 4.13 17.25 -27.06
CA ALA A 344 4.05 16.31 -28.21
C ALA A 344 3.35 15.02 -27.77
N ASN A 345 3.65 14.55 -26.55
CA ASN A 345 3.09 13.29 -25.98
C ASN A 345 1.68 13.54 -25.45
N LEU A 346 1.44 14.68 -24.79
CA LEU A 346 0.13 15.06 -24.22
C LEU A 346 -0.87 15.41 -25.34
N ARG A 347 -0.39 15.69 -26.57
CA ARG A 347 -1.23 16.07 -27.74
C ARG A 347 -1.51 14.86 -28.63
N GLU A 348 -0.94 13.69 -28.33
CA GLU A 348 -1.16 12.45 -29.12
C GLU A 348 -2.61 11.98 -28.94
N ASN A 349 -3.07 11.07 -29.81
CA ASN A 349 -4.41 10.44 -29.74
C ASN A 349 -4.46 9.51 -28.51
N TRP A 350 -5.67 9.22 -28.02
CA TRP A 350 -5.93 8.64 -26.68
C TRP A 350 -5.20 7.29 -26.51
N GLU A 351 -5.27 6.40 -27.50
CA GLU A 351 -4.65 5.05 -27.44
C GLU A 351 -3.14 5.19 -27.27
N GLU A 352 -2.53 6.19 -27.92
CA GLU A 352 -1.06 6.47 -27.84
C GLU A 352 -0.73 7.09 -26.48
N VAL A 353 -1.60 7.97 -25.96
CA VAL A 353 -1.46 8.60 -24.62
C VAL A 353 -1.40 7.50 -23.56
N LYS A 354 -2.30 6.52 -23.64
CA LYS A 354 -2.40 5.40 -22.67
C LYS A 354 -1.14 4.51 -22.78
N LYS A 355 -0.69 4.21 -24.00
CA LYS A 355 0.51 3.38 -24.26
C LYS A 355 1.75 4.07 -23.66
N ASN A 356 1.87 5.38 -23.84
CA ASN A 356 3.03 6.21 -23.37
C ASN A 356 3.15 6.12 -21.84
N ALA A 357 2.02 6.03 -21.13
CA ALA A 357 1.97 6.07 -19.64
C ALA A 357 2.18 4.67 -19.04
N ARG A 358 2.20 3.60 -19.86
CA ARG A 358 2.26 2.19 -19.40
C ARG A 358 3.47 1.96 -18.48
N LYS A 359 4.65 2.49 -18.84
CA LYS A 359 5.92 2.25 -18.11
C LYS A 359 6.23 3.41 -17.17
N ALA A 360 5.32 4.39 -17.02
CA ALA A 360 5.47 5.53 -16.10
C ALA A 360 5.31 5.05 -14.65
N PRO A 361 5.89 5.77 -13.67
CA PRO A 361 5.59 5.51 -12.25
C PRO A 361 4.08 5.53 -12.01
N GLN A 362 3.61 4.65 -11.11
CA GLN A 362 2.16 4.52 -10.75
C GLN A 362 1.83 5.52 -9.64
N PRO A 363 0.77 6.34 -9.79
CA PRO A 363 0.36 7.27 -8.74
C PRO A 363 -0.28 6.52 -7.56
N GLU A 364 -0.13 7.06 -6.35
CA GLU A 364 -0.63 6.44 -5.10
C GLU A 364 -0.65 7.48 -3.98
N VAL A 365 -1.79 7.63 -3.30
CA VAL A 365 -1.90 8.47 -2.07
C VAL A 365 -1.42 7.61 -0.89
N ARG A 366 -0.40 8.08 -0.17
CA ARG A 366 0.24 7.34 0.94
C ARG A 366 0.26 8.21 2.21
N ARG A 367 -0.05 7.59 3.35
CA ARG A 367 0.15 8.16 4.70
C ARG A 367 1.41 7.53 5.30
N TYR A 368 2.43 8.36 5.56
CA TYR A 368 3.63 7.98 6.34
C TYR A 368 3.48 8.54 7.76
N VAL A 369 3.91 7.77 8.76
CA VAL A 369 3.87 8.19 10.19
C VAL A 369 5.32 8.20 10.71
N LEU A 370 5.79 9.38 11.10
CA LEU A 370 7.18 9.63 11.56
C LEU A 370 7.19 9.71 13.08
N PRO A 371 7.75 8.72 13.79
CA PRO A 371 7.89 8.80 15.25
C PRO A 371 8.91 9.88 15.64
N LEU A 372 8.56 10.71 16.64
CA LEU A 372 9.43 11.79 17.19
C LEU A 372 10.25 11.25 18.36
N ASN A 373 9.71 10.27 19.11
CA ASN A 373 10.39 9.65 20.29
C ASN A 373 10.97 8.29 19.88
N ILE A 374 12.29 8.25 19.61
CA ILE A 374 13.05 7.04 19.22
C ILE A 374 13.81 6.53 20.45
N ASP A 375 13.35 5.41 21.04
CA ASP A 375 14.05 4.69 22.13
C ASP A 375 14.87 3.55 21.53
N LYS A 376 16.19 3.55 21.79
CA LYS A 376 17.16 2.50 21.34
C LYS A 376 16.68 1.11 21.74
N ALA A 377 16.01 1.00 22.89
CA ALA A 377 15.45 -0.27 23.44
C ALA A 377 14.43 -0.89 22.47
N ASP A 378 13.84 -0.10 21.57
CA ASP A 378 12.84 -0.57 20.57
C ASP A 378 13.52 -0.93 19.24
N THR A 379 14.85 -1.05 19.21
CA THR A 379 15.61 -1.44 17.99
C THR A 379 15.04 -2.74 17.43
N GLY A 380 14.72 -2.77 16.13
CA GLY A 380 14.23 -3.95 15.40
C GLY A 380 12.71 -4.04 15.40
N LYS A 381 12.02 -3.11 16.05
CA LYS A 381 10.55 -3.14 16.25
C LYS A 381 9.88 -1.96 15.53
N ASN A 382 8.56 -2.07 15.35
CA ASN A 382 7.67 -1.01 14.77
C ASN A 382 7.39 0.02 15.87
N LEU A 383 7.75 1.29 15.64
CA LEU A 383 7.61 2.40 16.63
C LEU A 383 6.22 3.03 16.56
N VAL A 384 5.47 2.80 15.48
CA VAL A 384 4.14 3.44 15.23
C VAL A 384 3.08 2.71 16.06
N THR A 385 2.88 3.16 17.29
CA THR A 385 1.99 2.55 18.31
C THR A 385 0.58 3.16 18.22
N LEU A 386 0.35 4.12 17.31
CA LEU A 386 -0.99 4.72 17.07
C LEU A 386 -1.97 3.61 16.72
N PRO A 387 -3.24 3.70 17.20
CA PRO A 387 -4.20 2.61 17.03
C PRO A 387 -5.02 2.61 15.72
N ASN A 388 -4.91 3.66 14.90
CA ASN A 388 -5.82 3.96 13.76
CA ASN A 388 -5.83 3.90 13.76
C ASN A 388 -5.03 3.99 12.44
N THR A 389 -3.85 3.38 12.38
CA THR A 389 -2.99 3.36 11.17
C THR A 389 -2.33 1.98 11.00
N THR A 390 -2.00 1.62 9.75
CA THR A 390 -1.21 0.42 9.37
C THR A 390 0.20 0.85 8.93
N ALA A 391 0.48 2.15 8.93
CA ALA A 391 1.84 2.71 8.67
C ALA A 391 2.79 2.22 9.77
N THR A 392 4.03 1.87 9.39
CA THR A 392 5.07 1.34 10.30
C THR A 392 6.36 2.15 10.17
N ALA A 393 7.18 2.14 11.21
CA ALA A 393 8.52 2.76 11.27
C ALA A 393 9.44 1.83 12.06
N ILE A 394 10.34 1.12 11.38
CA ILE A 394 11.25 0.11 11.99
C ILE A 394 12.57 0.80 12.34
N LEU A 395 12.93 0.84 13.62
CA LEU A 395 14.25 1.32 14.09
C LEU A 395 15.28 0.22 13.84
N CYS A 396 16.26 0.49 12.97
CA CYS A 396 17.36 -0.43 12.61
C CYS A 396 18.57 -0.17 13.52
N SER A 397 19.54 -1.09 13.50
CA SER A 397 20.77 -1.06 14.35
C SER A 397 21.67 0.11 13.95
N ASP A 398 21.67 0.49 12.66
CA ASP A 398 22.45 1.63 12.12
C ASP A 398 21.70 2.95 12.40
N GLU A 399 20.53 2.87 13.06
CA GLU A 399 19.72 4.02 13.57
C GLU A 399 18.90 4.65 12.44
N THR A 400 18.91 4.07 11.24
CA THR A 400 17.95 4.41 10.16
C THR A 400 16.56 3.93 10.61
N ILE A 401 15.53 4.70 10.29
CA ILE A 401 14.10 4.38 10.62
C ILE A 401 13.39 4.07 9.29
N TRP A 402 13.19 2.78 8.99
CA TRP A 402 12.57 2.34 7.73
C TRP A 402 11.04 2.49 7.83
N LEU A 403 10.45 3.28 6.92
CA LEU A 403 8.99 3.58 6.91
C LEU A 403 8.28 2.72 5.86
N GLU A 404 7.11 2.20 6.22
CA GLU A 404 6.10 1.63 5.28
C GLU A 404 4.86 2.50 5.35
N PRO A 405 4.23 2.84 4.21
CA PRO A 405 3.04 3.69 4.22
C PRO A 405 1.74 2.91 4.48
N GLU A 406 0.72 3.63 4.92
CA GLU A 406 -0.71 3.24 4.78
C GLU A 406 -1.21 3.87 3.46
N VAL A 407 -1.62 3.03 2.50
CA VAL A 407 -2.14 3.49 1.18
C VAL A 407 -3.58 3.95 1.37
N LEU A 408 -3.86 5.22 1.05
CA LEU A 408 -5.21 5.85 1.21
C LEU A 408 -6.03 5.69 -0.08
N PHE A 409 -5.37 5.75 -1.25
N PHE A 409 -5.37 5.75 -1.25
CA PHE A 409 -6.02 5.57 -2.57
CA PHE A 409 -6.02 5.57 -2.57
C PHE A 409 -4.99 5.09 -3.60
C PHE A 409 -4.99 5.09 -3.60
N SER A 410 -5.40 4.14 -4.45
CA SER A 410 -4.58 3.55 -5.53
C SER A 410 -5.49 3.09 -6.69
N GLY A 411 -5.29 3.66 -7.89
CA GLY A 411 -5.99 3.27 -9.12
C GLY A 411 -5.01 3.17 -10.29
N PRO A 412 -5.21 2.21 -11.24
CA PRO A 412 -4.25 1.99 -12.33
C PRO A 412 -4.09 3.21 -13.26
N ARG A 413 -2.99 3.95 -13.10
CA ARG A 413 -2.69 5.19 -13.85
C ARG A 413 -3.82 6.20 -13.61
N GLN A 414 -4.49 6.08 -12.46
CA GLN A 414 -5.56 6.99 -11.97
C GLN A 414 -4.99 7.78 -10.78
N ALA A 415 -4.40 8.95 -11.03
CA ALA A 415 -3.74 9.78 -10.01
C ALA A 415 -4.77 10.69 -9.34
N PHE A 416 -4.90 10.59 -8.01
CA PHE A 416 -5.47 11.65 -7.15
C PHE A 416 -4.36 12.69 -6.94
N GLU A 417 -4.41 13.80 -7.70
CA GLU A 417 -3.33 14.81 -7.78
C GLU A 417 -3.92 16.21 -7.53
N PHE A 418 -3.05 17.21 -7.50
CA PHE A 418 -3.39 18.63 -7.20
C PHE A 418 -4.28 18.67 -5.96
N PRO A 419 -3.81 18.08 -4.83
CA PRO A 419 -4.63 17.95 -3.63
C PRO A 419 -4.92 19.31 -2.98
N GLN A 420 -6.13 19.47 -2.45
CA GLN A 420 -6.56 20.65 -1.68
C GLN A 420 -7.35 20.17 -0.46
N ILE A 421 -7.27 20.93 0.64
CA ILE A 421 -8.05 20.69 1.89
C ILE A 421 -8.74 22.00 2.28
N ASN A 422 -9.53 21.98 3.35
CA ASN A 422 -9.96 23.19 4.09
C ASN A 422 -8.73 23.76 4.80
N TYR A 423 -7.84 24.42 4.05
CA TYR A 423 -6.46 24.79 4.46
C TYR A 423 -6.50 25.73 5.67
N GLN A 424 -7.36 26.76 5.62
CA GLN A 424 -7.37 27.88 6.60
C GLN A 424 -7.61 27.35 8.02
N LYS A 425 -8.42 26.30 8.18
CA LYS A 425 -8.86 25.78 9.50
C LYS A 425 -8.18 24.44 9.82
N TYR A 426 -7.79 23.64 8.83
CA TYR A 426 -7.28 22.25 9.03
C TYR A 426 -5.86 22.05 8.49
N GLY A 427 -5.27 23.08 7.87
CA GLY A 427 -3.85 23.06 7.45
C GLY A 427 -2.94 22.87 8.64
N GLY A 428 -2.12 21.82 8.63
CA GLY A 428 -1.15 21.51 9.70
C GLY A 428 -1.80 20.82 10.90
N LYS A 429 -3.07 20.44 10.80
CA LYS A 429 -3.89 19.94 11.94
C LYS A 429 -4.60 18.65 11.55
N PRO A 430 -5.02 17.82 12.55
CA PRO A 430 -5.86 16.67 12.27
C PRO A 430 -7.02 17.02 11.34
N TYR A 431 -7.28 16.17 10.34
CA TYR A 431 -8.26 16.44 9.25
C TYR A 431 -8.79 15.10 8.71
N THR A 432 -9.84 15.18 7.90
CA THR A 432 -10.60 14.01 7.37
C THR A 432 -10.66 14.03 5.84
N TYR A 433 -10.76 15.22 5.23
CA TYR A 433 -11.16 15.38 3.80
C TYR A 433 -10.05 16.04 2.99
N ALA A 434 -9.76 15.45 1.83
CA ALA A 434 -8.92 16.02 0.76
C ALA A 434 -9.74 16.02 -0.54
N TYR A 435 -9.55 17.05 -1.37
CA TYR A 435 -10.12 17.17 -2.74
C TYR A 435 -8.96 17.11 -3.73
N GLY A 436 -9.19 16.53 -4.91
CA GLY A 436 -8.13 16.28 -5.90
C GLY A 436 -8.64 16.34 -7.33
N LEU A 437 -7.73 16.67 -8.25
CA LEU A 437 -7.92 16.51 -9.71
C LEU A 437 -7.50 15.08 -10.06
N GLY A 438 -8.40 14.31 -10.67
CA GLY A 438 -8.14 12.92 -11.09
C GLY A 438 -7.48 12.89 -12.47
N LEU A 439 -6.26 12.34 -12.56
CA LEU A 439 -5.51 12.18 -13.82
C LEU A 439 -5.71 10.75 -14.35
N ASN A 440 -6.09 10.63 -15.63
CA ASN A 440 -6.30 9.37 -16.36
C ASN A 440 -5.18 9.25 -17.40
N HIS A 441 -4.12 8.50 -17.09
CA HIS A 441 -2.87 8.43 -17.89
C HIS A 441 -2.36 9.86 -18.13
N PHE A 442 -2.38 10.70 -17.08
CA PHE A 442 -1.88 12.10 -17.02
C PHE A 442 -2.92 13.11 -17.53
N VAL A 443 -4.02 12.65 -18.13
CA VAL A 443 -5.11 13.54 -18.65
C VAL A 443 -6.10 13.81 -17.52
N PRO A 444 -6.32 15.10 -17.13
CA PRO A 444 -7.30 15.42 -16.09
C PRO A 444 -8.73 15.29 -16.61
N ASP A 445 -9.53 14.37 -16.05
CA ASP A 445 -10.88 14.04 -16.61
C ASP A 445 -11.93 13.89 -15.50
N ARG A 446 -11.64 14.26 -14.25
CA ARG A 446 -12.59 14.10 -13.12
C ARG A 446 -12.11 14.89 -11.89
N LEU A 447 -13.03 15.16 -10.97
CA LEU A 447 -12.76 15.74 -9.63
C LEU A 447 -13.07 14.68 -8.57
N CYS A 448 -12.25 14.62 -7.53
CA CYS A 448 -12.28 13.55 -6.49
C CYS A 448 -12.31 14.15 -5.09
N LYS A 449 -13.03 13.50 -4.18
CA LYS A 449 -12.98 13.75 -2.72
C LYS A 449 -12.53 12.45 -2.04
N LEU A 450 -11.61 12.55 -1.08
CA LEU A 450 -11.04 11.40 -0.33
C LEU A 450 -11.24 11.66 1.16
N ASN A 451 -11.96 10.75 1.84
CA ASN A 451 -11.97 10.64 3.32
C ASN A 451 -10.72 9.84 3.73
N VAL A 452 -9.73 10.49 4.34
CA VAL A 452 -8.40 9.90 4.64
C VAL A 452 -8.50 8.97 5.86
N LYS A 453 -9.61 8.99 6.60
CA LYS A 453 -9.88 8.07 7.74
C LYS A 453 -10.53 6.77 7.25
N THR A 454 -11.57 6.87 6.42
CA THR A 454 -12.39 5.72 5.95
C THR A 454 -11.91 5.21 4.58
N LYS A 455 -11.20 6.06 3.82
CA LYS A 455 -10.70 5.78 2.44
C LYS A 455 -11.87 5.76 1.44
N GLU A 456 -13.06 6.21 1.85
CA GLU A 456 -14.21 6.40 0.94
C GLU A 456 -13.86 7.53 -0.04
N THR A 457 -14.29 7.38 -1.31
CA THR A 457 -14.08 8.39 -2.38
C THR A 457 -15.42 8.83 -2.97
N TRP A 458 -15.47 10.07 -3.44
CA TRP A 458 -16.56 10.65 -4.28
C TRP A 458 -15.93 11.11 -5.59
N VAL A 459 -16.65 10.97 -6.71
CA VAL A 459 -16.17 11.39 -8.06
C VAL A 459 -17.25 12.23 -8.74
N TRP A 460 -16.84 13.35 -9.34
CA TRP A 460 -17.62 14.10 -10.35
C TRP A 460 -16.94 13.94 -11.71
N GLN A 461 -17.69 13.54 -12.74
CA GLN A 461 -17.14 13.25 -14.08
C GLN A 461 -18.26 13.37 -15.14
N GLU A 462 -17.97 14.08 -16.23
CA GLU A 462 -18.80 14.12 -17.47
C GLU A 462 -17.90 13.80 -18.66
N PRO A 463 -18.45 13.18 -19.74
CA PRO A 463 -17.64 12.87 -20.93
C PRO A 463 -17.02 14.12 -21.56
N ASP A 464 -15.80 13.99 -22.09
CA ASP A 464 -15.10 15.04 -22.87
C ASP A 464 -15.06 16.35 -22.07
N SER A 465 -14.84 16.25 -20.75
CA SER A 465 -14.75 17.40 -19.81
C SER A 465 -13.47 17.26 -18.97
N TYR A 466 -12.60 18.27 -19.04
CA TYR A 466 -11.20 18.23 -18.52
C TYR A 466 -11.05 19.29 -17.44
N PRO A 467 -11.27 18.93 -16.15
CA PRO A 467 -11.26 19.90 -15.06
C PRO A 467 -9.85 20.32 -14.61
N SER A 468 -9.79 21.31 -13.73
CA SER A 468 -8.56 21.83 -13.07
C SER A 468 -8.58 21.44 -11.59
N GLU A 469 -7.47 21.66 -10.91
CA GLU A 469 -7.35 21.57 -9.42
C GLU A 469 -8.62 22.14 -8.80
N PRO A 470 -9.31 21.38 -7.91
CA PRO A 470 -10.46 21.90 -7.18
C PRO A 470 -9.96 22.73 -5.99
N ILE A 471 -10.49 23.93 -5.81
CA ILE A 471 -10.16 24.81 -4.65
C ILE A 471 -11.41 24.88 -3.75
N PHE A 472 -11.22 24.53 -2.47
CA PHE A 472 -12.27 24.50 -1.44
C PHE A 472 -12.50 25.92 -0.91
N VAL A 473 -13.77 26.32 -0.84
CA VAL A 473 -14.21 27.58 -0.17
C VAL A 473 -15.23 27.20 0.89
N SER A 474 -14.92 27.48 2.15
CA SER A 474 -15.80 27.23 3.32
C SER A 474 -16.99 28.19 3.23
N HIS A 475 -18.17 27.73 3.67
CA HIS A 475 -19.23 28.65 4.14
C HIS A 475 -18.63 29.46 5.29
N PRO A 476 -18.74 30.81 5.28
CA PRO A 476 -18.06 31.63 6.30
C PRO A 476 -18.44 31.29 7.75
N ASP A 477 -19.61 30.67 7.97
CA ASP A 477 -20.14 30.31 9.31
C ASP A 477 -20.07 28.79 9.53
N ALA A 478 -19.28 28.08 8.73
CA ALA A 478 -19.12 26.61 8.81
C ALA A 478 -18.44 26.25 10.14
N LEU A 479 -18.96 25.24 10.84
CA LEU A 479 -18.29 24.54 11.96
C LEU A 479 -17.71 23.20 11.48
N GLU A 480 -18.26 22.59 10.43
CA GLU A 480 -17.83 21.28 9.89
C GLU A 480 -16.72 21.48 8.84
N GLU A 481 -15.92 20.44 8.60
CA GLU A 481 -14.67 20.51 7.79
C GLU A 481 -15.00 20.70 6.31
N ASP A 482 -16.09 20.08 5.83
CA ASP A 482 -16.46 20.02 4.39
C ASP A 482 -17.76 20.78 4.14
N ASP A 483 -18.07 21.79 4.98
CA ASP A 483 -19.27 22.65 4.82
C ASP A 483 -18.91 23.81 3.90
N GLY A 484 -19.07 23.63 2.60
CA GLY A 484 -18.71 24.65 1.59
C GLY A 484 -18.77 24.09 0.18
N VAL A 485 -18.02 24.69 -0.75
CA VAL A 485 -18.00 24.30 -2.19
C VAL A 485 -16.54 24.09 -2.62
N VAL A 486 -16.35 23.35 -3.72
CA VAL A 486 -15.06 23.33 -4.48
C VAL A 486 -15.33 24.03 -5.82
N LEU A 487 -14.37 24.85 -6.26
CA LEU A 487 -14.40 25.55 -7.58
C LEU A 487 -13.39 24.87 -8.49
N SER A 488 -13.80 24.52 -9.71
CA SER A 488 -12.92 23.94 -10.75
C SER A 488 -13.21 24.63 -12.10
N VAL A 489 -12.16 24.91 -12.87
CA VAL A 489 -12.27 25.42 -14.28
C VAL A 489 -12.24 24.20 -15.20
N VAL A 490 -13.30 24.01 -16.00
CA VAL A 490 -13.51 22.79 -16.83
C VAL A 490 -13.45 23.18 -18.31
N VAL A 491 -12.60 22.51 -19.07
CA VAL A 491 -12.50 22.61 -20.56
C VAL A 491 -13.43 21.55 -21.15
N SER A 492 -14.44 21.98 -21.92
CA SER A 492 -15.50 21.13 -22.51
C SER A 492 -15.59 21.40 -24.01
N PRO A 493 -14.65 20.86 -24.82
CA PRO A 493 -14.61 21.16 -26.26
C PRO A 493 -15.65 20.41 -27.11
N GLY A 494 -16.54 19.65 -26.48
CA GLY A 494 -17.69 18.98 -27.14
C GLY A 494 -18.48 19.95 -28.01
N ALA A 495 -18.81 19.54 -29.23
CA ALA A 495 -19.46 20.36 -30.28
C ALA A 495 -20.78 20.96 -29.75
N GLY A 496 -21.52 20.21 -28.93
CA GLY A 496 -22.81 20.65 -28.35
C GLY A 496 -22.64 21.28 -26.97
N GLN A 497 -21.59 22.09 -26.79
CA GLN A 497 -21.27 22.80 -25.51
C GLN A 497 -20.47 24.06 -25.82
N LYS A 498 -20.44 25.00 -24.86
CA LYS A 498 -19.51 26.17 -24.87
C LYS A 498 -18.11 25.67 -24.52
N PRO A 499 -17.03 26.36 -24.93
CA PRO A 499 -15.68 25.82 -24.82
C PRO A 499 -15.21 25.45 -23.41
N ALA A 500 -15.63 26.21 -22.39
CA ALA A 500 -15.18 26.06 -20.98
C ALA A 500 -16.23 26.62 -20.01
N TYR A 501 -16.11 26.29 -18.73
CA TYR A 501 -17.01 26.80 -17.66
C TYR A 501 -16.35 26.66 -16.28
N LEU A 502 -16.72 27.56 -15.37
CA LEU A 502 -16.45 27.48 -13.92
C LEU A 502 -17.46 26.52 -13.31
N LEU A 503 -16.99 25.43 -12.69
CA LEU A 503 -17.84 24.41 -12.03
C LEU A 503 -17.82 24.66 -10.52
N ILE A 504 -19.00 24.66 -9.89
CA ILE A 504 -19.18 24.72 -8.41
C ILE A 504 -19.88 23.42 -7.96
N LEU A 505 -19.18 22.60 -7.17
CA LEU A 505 -19.72 21.36 -6.56
C LEU A 505 -19.89 21.59 -5.06
N ASN A 506 -20.91 20.97 -4.46
CA ASN A 506 -21.07 20.84 -3.00
C ASN A 506 -19.91 19.99 -2.47
N ALA A 507 -19.16 20.50 -1.49
CA ALA A 507 -17.98 19.83 -0.89
C ALA A 507 -18.39 18.55 -0.16
N LYS A 508 -19.65 18.43 0.26
CA LYS A 508 -20.20 17.26 1.01
C LYS A 508 -20.12 15.99 0.15
N ASP A 509 -20.67 16.01 -1.06
CA ASP A 509 -20.88 14.81 -1.92
C ASP A 509 -20.41 15.06 -3.36
N LEU A 510 -19.78 16.20 -3.65
CA LEU A 510 -19.37 16.64 -5.01
C LEU A 510 -20.56 16.65 -5.97
N SER A 511 -21.78 16.91 -5.46
CA SER A 511 -22.99 17.14 -6.29
C SER A 511 -22.92 18.56 -6.88
N GLU A 512 -23.32 18.72 -8.14
CA GLU A 512 -23.20 20.02 -8.87
C GLU A 512 -24.17 21.04 -8.27
N VAL A 513 -23.68 22.27 -8.06
CA VAL A 513 -24.47 23.42 -7.52
C VAL A 513 -24.76 24.41 -8.66
N ALA A 514 -23.77 24.71 -9.49
CA ALA A 514 -23.89 25.69 -10.61
C ALA A 514 -22.71 25.57 -11.58
N ARG A 515 -22.90 26.08 -12.81
CA ARG A 515 -21.83 26.36 -13.80
C ARG A 515 -21.91 27.82 -14.26
N ALA A 516 -20.75 28.42 -14.54
CA ALA A 516 -20.61 29.72 -15.22
C ALA A 516 -19.86 29.49 -16.54
N GLU A 517 -20.59 29.37 -17.65
CA GLU A 517 -20.05 29.04 -18.99
C GLU A 517 -19.50 30.31 -19.65
N VAL A 518 -18.33 30.20 -20.30
CA VAL A 518 -17.68 31.28 -21.09
C VAL A 518 -17.59 30.82 -22.55
N GLU A 519 -17.56 31.76 -23.50
CA GLU A 519 -17.67 31.51 -24.96
C GLU A 519 -16.28 31.37 -25.61
N ILE A 520 -15.21 31.42 -24.80
CA ILE A 520 -13.79 31.27 -25.29
C ILE A 520 -13.15 30.06 -24.60
N ASN A 521 -12.14 29.46 -25.24
CA ASN A 521 -11.37 28.32 -24.70
C ASN A 521 -10.48 28.82 -23.54
N ILE A 522 -10.21 27.94 -22.58
CA ILE A 522 -9.26 28.15 -21.45
C ILE A 522 -8.23 27.03 -21.50
N PRO A 523 -6.91 27.33 -21.50
CA PRO A 523 -5.89 26.28 -21.47
C PRO A 523 -5.81 25.64 -20.07
N VAL A 524 -4.90 24.68 -19.91
CA VAL A 524 -4.60 24.02 -18.60
C VAL A 524 -4.16 25.11 -17.62
N THR A 525 -4.65 25.03 -16.37
CA THR A 525 -4.15 25.80 -15.21
C THR A 525 -3.64 24.81 -14.16
N PHE A 526 -2.63 25.20 -13.38
CA PHE A 526 -1.96 24.33 -12.39
C PHE A 526 -2.53 24.63 -11.00
N HIS A 527 -2.23 25.80 -10.44
CA HIS A 527 -2.59 26.18 -9.05
C HIS A 527 -3.18 27.59 -9.00
N GLY A 528 -3.83 27.90 -7.88
CA GLY A 528 -4.46 29.19 -7.62
C GLY A 528 -4.97 29.31 -6.19
N LEU A 529 -5.85 30.27 -5.95
CA LEU A 529 -6.47 30.51 -4.62
C LEU A 529 -7.79 31.23 -4.82
N PHE A 530 -8.68 31.18 -3.82
CA PHE A 530 -9.88 32.04 -3.73
C PHE A 530 -9.56 33.22 -2.83
N LYS A 531 -9.64 34.43 -3.37
CA LYS A 531 -9.46 35.71 -2.65
C LYS A 531 -10.84 36.25 -2.26
N LYS A 532 -11.20 36.11 -0.98
CA LYS A 532 -12.49 36.61 -0.42
C LYS A 532 -12.48 38.14 -0.41
N SER A 533 -13.59 38.76 -0.80
CA SER A 533 -13.80 40.23 -0.83
C SER A 533 -15.14 40.57 -0.15
N SER B 2 -12.31 -5.34 8.68
CA SER B 2 -11.80 -5.17 10.07
C SER B 2 -12.83 -5.68 11.08
N SER B 3 -12.40 -5.90 12.33
CA SER B 3 -13.25 -6.25 13.49
C SER B 3 -13.96 -4.98 14.00
N GLN B 4 -15.16 -5.14 14.57
CA GLN B 4 -15.95 -4.05 15.20
C GLN B 4 -16.27 -4.42 16.65
N VAL B 5 -15.40 -5.23 17.29
CA VAL B 5 -15.66 -5.88 18.60
C VAL B 5 -14.38 -5.84 19.45
N GLU B 6 -14.53 -5.53 20.74
CA GLU B 6 -13.51 -5.71 21.80
C GLU B 6 -13.79 -7.04 22.50
N HIS B 7 -12.85 -7.56 23.30
CA HIS B 7 -12.94 -8.89 23.97
C HIS B 7 -12.59 -8.78 25.44
N PRO B 8 -13.21 -7.85 26.21
CA PRO B 8 -12.89 -7.68 27.63
C PRO B 8 -13.16 -8.91 28.51
N ALA B 9 -14.11 -9.77 28.10
CA ALA B 9 -14.50 -11.01 28.83
C ALA B 9 -13.39 -12.07 28.74
N GLY B 10 -12.48 -11.96 27.75
CA GLY B 10 -11.27 -12.79 27.64
C GLY B 10 -11.57 -14.23 27.23
N GLY B 11 -12.67 -14.46 26.51
CA GLY B 11 -13.13 -15.80 26.08
C GLY B 11 -12.11 -16.51 25.21
N TYR B 12 -11.27 -15.78 24.49
CA TYR B 12 -10.23 -16.29 23.55
C TYR B 12 -9.22 -17.19 24.28
N LYS B 13 -9.14 -17.13 25.61
CA LYS B 13 -8.25 -17.99 26.44
C LYS B 13 -8.63 -19.48 26.26
N LYS B 14 -9.89 -19.77 25.94
CA LYS B 14 -10.41 -21.14 25.72
C LYS B 14 -9.79 -21.76 24.46
N LEU B 15 -9.22 -20.95 23.55
CA LEU B 15 -8.47 -21.42 22.36
C LEU B 15 -7.23 -22.20 22.79
N PHE B 16 -6.64 -21.86 23.95
CA PHE B 16 -5.33 -22.35 24.43
C PHE B 16 -5.49 -23.16 25.73
N GLU B 17 -6.65 -23.81 25.89
CA GLU B 17 -6.98 -24.64 27.08
C GLU B 17 -7.04 -26.11 26.64
N THR B 18 -6.32 -26.98 27.35
CA THR B 18 -6.27 -28.45 27.12
C THR B 18 -7.69 -29.01 27.06
N VAL B 19 -7.92 -29.99 26.17
CA VAL B 19 -9.19 -30.75 26.04
C VAL B 19 -8.86 -32.24 26.09
N GLU B 20 -9.87 -33.08 26.32
CA GLU B 20 -9.78 -34.56 26.23
C GLU B 20 -10.26 -34.99 24.84
N GLU B 21 -9.63 -36.01 24.26
CA GLU B 21 -10.10 -36.66 23.01
C GLU B 21 -11.39 -37.43 23.32
N LEU B 22 -12.13 -37.80 22.27
CA LEU B 22 -13.38 -38.62 22.37
C LEU B 22 -13.05 -40.07 22.01
N SER B 23 -13.82 -41.02 22.54
CA SER B 23 -13.72 -42.46 22.21
C SER B 23 -14.50 -42.74 20.91
N SER B 24 -15.60 -42.02 20.69
CA SER B 24 -16.44 -42.11 19.45
C SER B 24 -17.07 -40.75 19.15
N PRO B 25 -17.53 -40.51 17.90
CA PRO B 25 -18.11 -39.21 17.52
C PRO B 25 -19.34 -38.80 18.33
N LEU B 26 -19.49 -37.50 18.60
CA LEU B 26 -20.70 -36.87 19.20
C LEU B 26 -21.63 -36.39 18.09
N THR B 27 -22.93 -36.30 18.38
CA THR B 27 -23.94 -35.58 17.55
C THR B 27 -23.78 -34.07 17.79
N ALA B 28 -23.83 -33.28 16.72
CA ALA B 28 -23.80 -31.80 16.75
C ALA B 28 -25.21 -31.29 16.45
N HIS B 29 -25.81 -30.56 17.41
N HIS B 29 -25.79 -30.52 17.38
CA HIS B 29 -27.18 -29.98 17.31
CA HIS B 29 -27.17 -29.99 17.32
C HIS B 29 -27.21 -28.94 16.20
C HIS B 29 -27.26 -28.91 16.23
N VAL B 30 -27.93 -29.22 15.11
CA VAL B 30 -28.03 -28.35 13.91
C VAL B 30 -29.11 -27.29 14.14
N THR B 31 -28.77 -26.02 13.90
CA THR B 31 -29.73 -24.89 13.72
C THR B 31 -29.50 -24.30 12.32
N GLY B 32 -30.58 -24.04 11.58
CA GLY B 32 -30.54 -23.72 10.14
C GLY B 32 -30.54 -25.00 9.31
N ARG B 33 -30.02 -24.94 8.10
CA ARG B 33 -30.04 -26.07 7.13
C ARG B 33 -28.61 -26.38 6.65
N ILE B 34 -28.07 -27.53 7.07
CA ILE B 34 -26.81 -28.10 6.52
C ILE B 34 -27.08 -28.50 5.07
N PRO B 35 -26.37 -27.93 4.07
CA PRO B 35 -26.59 -28.29 2.68
C PRO B 35 -26.56 -29.81 2.45
N LEU B 36 -27.53 -30.33 1.69
CA LEU B 36 -27.71 -31.80 1.46
C LEU B 36 -26.66 -32.31 0.47
N TRP B 37 -26.05 -31.43 -0.31
CA TRP B 37 -24.95 -31.75 -1.26
C TRP B 37 -23.60 -31.81 -0.52
N LEU B 38 -23.55 -31.35 0.73
CA LEU B 38 -22.32 -31.35 1.57
C LEU B 38 -22.14 -32.73 2.21
N THR B 39 -21.38 -33.61 1.56
CA THR B 39 -21.15 -35.02 1.97
C THR B 39 -19.65 -35.26 2.07
N GLY B 40 -19.13 -35.45 3.29
CA GLY B 40 -17.71 -35.69 3.54
C GLY B 40 -17.29 -35.27 4.93
N SER B 41 -15.97 -35.04 5.11
CA SER B 41 -15.31 -34.79 6.41
C SER B 41 -14.48 -33.51 6.35
N LEU B 42 -14.74 -32.56 7.25
CA LEU B 42 -13.81 -31.43 7.55
C LEU B 42 -12.77 -31.94 8.54
N LEU B 43 -11.55 -32.20 8.06
CA LEU B 43 -10.38 -32.62 8.90
C LEU B 43 -9.54 -31.38 9.18
N ARG B 44 -9.22 -31.12 10.46
CA ARG B 44 -8.44 -29.94 10.92
C ARG B 44 -7.47 -30.36 12.02
N CYS B 45 -6.30 -29.74 12.06
CA CYS B 45 -5.21 -29.99 13.04
C CYS B 45 -4.99 -28.75 13.90
N GLY B 46 -4.64 -28.97 15.18
CA GLY B 46 -4.29 -27.92 16.15
C GLY B 46 -3.71 -28.50 17.42
N PRO B 47 -3.15 -27.67 18.32
CA PRO B 47 -2.71 -28.13 19.64
C PRO B 47 -3.93 -28.46 20.50
N GLY B 48 -3.88 -29.56 21.27
CA GLY B 48 -4.96 -30.02 22.16
C GLY B 48 -4.52 -30.15 23.61
N LEU B 49 -3.21 -30.35 23.84
CA LEU B 49 -2.60 -30.55 25.18
C LEU B 49 -1.48 -29.53 25.37
N PHE B 50 -1.69 -28.54 26.24
CA PHE B 50 -0.82 -27.35 26.41
C PHE B 50 0.07 -27.48 27.64
N GLU B 51 0.01 -28.64 28.31
CA GLU B 51 0.93 -28.99 29.43
C GLU B 51 0.94 -30.52 29.62
N VAL B 52 2.08 -31.07 30.03
CA VAL B 52 2.24 -32.49 30.45
C VAL B 52 2.41 -32.50 31.97
N GLY B 53 1.31 -32.68 32.71
CA GLY B 53 1.25 -32.56 34.18
C GLY B 53 1.49 -31.12 34.61
N SER B 54 2.62 -30.87 35.27
CA SER B 54 3.02 -29.55 35.81
C SER B 54 4.00 -28.84 34.87
N GLU B 55 4.48 -29.52 33.83
CA GLU B 55 5.40 -28.96 32.80
C GLU B 55 4.58 -28.27 31.71
N PRO B 56 4.69 -26.93 31.56
CA PRO B 56 3.92 -26.20 30.55
C PRO B 56 4.62 -26.16 29.18
N PHE B 57 3.84 -26.14 28.11
CA PHE B 57 4.27 -25.69 26.76
C PHE B 57 4.13 -24.16 26.71
N TYR B 58 5.10 -23.46 26.12
CA TYR B 58 5.24 -21.98 26.19
C TYR B 58 4.66 -21.30 24.94
N HIS B 59 4.81 -21.91 23.75
CA HIS B 59 4.46 -21.28 22.45
C HIS B 59 3.19 -21.88 21.86
N LEU B 60 2.50 -21.10 21.03
CA LEU B 60 1.24 -21.47 20.32
C LEU B 60 1.44 -22.76 19.51
N PHE B 61 2.66 -23.00 19.01
CA PHE B 61 2.99 -24.12 18.08
C PHE B 61 3.65 -25.29 18.82
N ASP B 62 3.43 -25.40 20.14
CA ASP B 62 4.08 -26.41 21.03
C ASP B 62 3.08 -27.49 21.44
N GLY B 63 1.82 -27.12 21.71
CA GLY B 63 0.76 -28.04 22.15
C GLY B 63 0.66 -29.27 21.25
N GLN B 64 0.30 -30.42 21.84
CA GLN B 64 0.37 -31.75 21.16
C GLN B 64 -0.77 -31.87 20.14
N ALA B 65 -0.42 -32.34 18.94
CA ALA B 65 -1.31 -32.44 17.76
C ALA B 65 -2.63 -33.13 18.14
N LEU B 66 -3.73 -32.47 17.80
CA LEU B 66 -5.13 -32.98 17.96
C LEU B 66 -5.80 -32.95 16.58
N LEU B 67 -6.21 -34.12 16.07
CA LEU B 67 -6.88 -34.27 14.76
C LEU B 67 -8.40 -34.22 14.98
N HIS B 68 -9.06 -33.21 14.40
CA HIS B 68 -10.52 -32.96 14.50
C HIS B 68 -11.22 -33.42 13.23
N LYS B 69 -12.48 -33.84 13.33
CA LYS B 69 -13.31 -34.26 12.16
C LYS B 69 -14.78 -33.92 12.41
N PHE B 70 -15.36 -33.08 11.55
CA PHE B 70 -16.82 -32.90 11.39
C PHE B 70 -17.27 -33.68 10.15
N ASP B 71 -18.13 -34.67 10.33
CA ASP B 71 -18.73 -35.47 9.22
C ASP B 71 -20.09 -34.87 8.87
N PHE B 72 -20.36 -34.74 7.56
CA PHE B 72 -21.63 -34.22 7.00
C PHE B 72 -22.25 -35.31 6.12
N LYS B 73 -23.55 -35.57 6.31
CA LYS B 73 -24.34 -36.53 5.50
C LYS B 73 -25.83 -36.27 5.74
N GLU B 74 -26.58 -36.04 4.65
CA GLU B 74 -28.06 -35.91 4.65
C GLU B 74 -28.51 -34.89 5.71
N GLY B 75 -27.74 -33.80 5.88
CA GLY B 75 -28.12 -32.65 6.72
C GLY B 75 -27.83 -32.83 8.21
N HIS B 76 -27.12 -33.92 8.57
N HIS B 76 -27.15 -33.91 8.61
CA HIS B 76 -26.73 -34.26 9.96
CA HIS B 76 -26.76 -34.17 10.02
C HIS B 76 -25.21 -34.10 10.11
C HIS B 76 -25.23 -34.15 10.15
N VAL B 77 -24.74 -33.77 11.33
CA VAL B 77 -23.29 -33.50 11.61
C VAL B 77 -22.89 -34.26 12.88
N THR B 78 -21.73 -34.94 12.82
CA THR B 78 -21.03 -35.52 14.00
C THR B 78 -19.68 -34.80 14.17
N TYR B 79 -19.18 -34.77 15.41
CA TYR B 79 -17.84 -34.25 15.76
C TYR B 79 -17.04 -35.33 16.46
N HIS B 80 -15.77 -35.50 16.06
CA HIS B 80 -14.81 -36.48 16.64
C HIS B 80 -13.42 -35.84 16.69
N ARG B 81 -12.63 -36.17 17.71
CA ARG B 81 -11.22 -35.73 17.82
C ARG B 81 -10.41 -36.81 18.54
N ARG B 82 -9.19 -37.03 18.05
CA ARG B 82 -8.18 -37.95 18.64
C ARG B 82 -6.81 -37.25 18.61
N PHE B 83 -6.05 -37.33 19.68
CA PHE B 83 -4.63 -36.92 19.70
C PHE B 83 -3.86 -37.82 18.73
N ILE B 84 -2.96 -37.23 17.94
CA ILE B 84 -2.07 -37.98 17.01
C ILE B 84 -1.01 -38.68 17.88
N ARG B 85 -0.86 -40.00 17.72
CA ARG B 85 0.13 -40.82 18.46
C ARG B 85 1.50 -40.62 17.80
N THR B 86 2.05 -39.42 17.95
CA THR B 86 3.41 -39.04 17.51
C THR B 86 4.41 -39.56 18.56
N ASP B 87 5.70 -39.62 18.21
CA ASP B 87 6.81 -39.88 19.17
C ASP B 87 6.70 -38.88 20.33
N ALA B 88 6.47 -37.60 20.03
CA ALA B 88 6.33 -36.50 21.00
C ALA B 88 5.22 -36.82 22.02
N TYR B 89 4.04 -37.21 21.54
CA TYR B 89 2.84 -37.48 22.37
C TYR B 89 3.02 -38.78 23.15
N VAL B 90 3.35 -39.87 22.45
CA VAL B 90 3.50 -41.24 23.01
C VAL B 90 4.52 -41.21 24.16
N ARG B 91 5.69 -40.61 23.93
CA ARG B 91 6.82 -40.59 24.91
C ARG B 91 6.46 -39.65 26.08
N ALA B 92 5.67 -38.60 25.83
CA ALA B 92 5.18 -37.66 26.86
C ALA B 92 4.23 -38.40 27.81
N MET B 93 3.32 -39.21 27.26
CA MET B 93 2.33 -40.00 28.04
C MET B 93 3.05 -41.11 28.82
N THR B 94 4.08 -41.71 28.22
CA THR B 94 4.91 -42.80 28.81
C THR B 94 5.68 -42.27 30.04
N GLU B 95 6.46 -41.19 29.85
CA GLU B 95 7.40 -40.65 30.87
C GLU B 95 6.72 -39.59 31.75
N LYS B 96 5.47 -39.21 31.43
CA LYS B 96 4.65 -38.22 32.18
C LYS B 96 5.42 -36.89 32.33
N ARG B 97 6.10 -36.47 31.26
CA ARG B 97 6.86 -35.19 31.19
C ARG B 97 7.03 -34.80 29.71
N ILE B 98 7.60 -33.62 29.44
CA ILE B 98 7.95 -33.16 28.06
C ILE B 98 9.29 -33.81 27.68
N VAL B 99 9.27 -34.72 26.71
CA VAL B 99 10.45 -35.55 26.28
C VAL B 99 11.12 -34.89 25.07
N ILE B 100 10.34 -34.55 24.05
CA ILE B 100 10.84 -33.94 22.77
C ILE B 100 10.74 -32.41 22.88
N THR B 101 11.80 -31.71 22.47
CA THR B 101 11.84 -30.22 22.37
C THR B 101 10.85 -29.77 21.29
N GLU B 102 9.90 -28.91 21.65
CA GLU B 102 8.93 -28.30 20.71
C GLU B 102 9.46 -26.94 20.26
N PHE B 103 8.77 -26.31 19.30
CA PHE B 103 9.16 -25.03 18.65
C PHE B 103 9.69 -24.04 19.68
N GLY B 104 8.94 -23.79 20.76
CA GLY B 104 9.28 -22.79 21.79
C GLY B 104 9.29 -23.35 23.20
N THR B 105 9.55 -24.64 23.36
CA THR B 105 9.64 -25.33 24.69
C THR B 105 10.75 -26.36 24.67
N CYS B 106 11.83 -26.11 25.40
N CYS B 106 11.83 -26.12 25.40
CA CYS B 106 12.99 -27.03 25.57
CA CYS B 106 12.99 -27.03 25.54
C CYS B 106 12.59 -28.19 26.49
C CYS B 106 12.64 -28.17 26.51
N ALA B 107 13.03 -29.41 26.16
CA ALA B 107 12.88 -30.61 27.01
C ALA B 107 14.19 -30.80 27.79
N PHE B 108 14.10 -31.18 29.07
CA PHE B 108 15.26 -31.47 29.95
C PHE B 108 15.18 -32.92 30.41
N PRO B 109 16.30 -33.67 30.45
CA PRO B 109 16.29 -35.07 30.92
C PRO B 109 15.87 -35.19 32.39
N GLY B 125 20.86 -38.77 18.36
CA GLY B 125 21.41 -37.45 18.75
C GLY B 125 20.31 -36.44 19.00
N VAL B 126 20.17 -35.45 18.10
CA VAL B 126 19.13 -34.39 18.16
C VAL B 126 17.79 -35.02 17.75
N GLU B 127 16.83 -35.08 18.69
CA GLU B 127 15.47 -35.66 18.46
C GLU B 127 14.53 -34.54 17.98
N VAL B 128 14.28 -34.50 16.66
CA VAL B 128 13.41 -33.48 16.00
C VAL B 128 11.94 -33.85 16.27
N THR B 129 11.12 -32.85 16.60
CA THR B 129 9.68 -33.01 16.90
C THR B 129 8.93 -33.50 15.64
N ASP B 130 7.96 -34.40 15.84
CA ASP B 130 7.02 -34.89 14.81
C ASP B 130 5.59 -34.51 15.24
N ASN B 131 5.47 -33.52 16.12
CA ASN B 131 4.17 -32.97 16.62
C ASN B 131 3.44 -32.31 15.44
N ALA B 132 2.59 -33.08 14.76
CA ALA B 132 1.94 -32.71 13.48
C ALA B 132 0.65 -31.92 13.75
N LEU B 133 0.79 -30.71 14.32
CA LEU B 133 -0.36 -29.92 14.85
C LEU B 133 -0.83 -28.88 13.82
N VAL B 134 -0.19 -28.79 12.65
CA VAL B 134 -0.33 -27.62 11.72
C VAL B 134 -1.37 -27.92 10.63
N ASN B 135 -1.19 -28.98 9.86
CA ASN B 135 -2.04 -29.27 8.67
C ASN B 135 -2.16 -30.77 8.41
N ILE B 136 -3.03 -31.15 7.48
CA ILE B 136 -3.23 -32.53 6.95
C ILE B 136 -3.43 -32.42 5.44
N TYR B 137 -2.81 -33.31 4.64
CA TYR B 137 -2.89 -33.28 3.16
C TYR B 137 -2.83 -34.69 2.59
N PRO B 138 -3.46 -34.92 1.41
CA PRO B 138 -3.42 -36.21 0.73
C PRO B 138 -2.14 -36.45 -0.08
N VAL B 139 -1.63 -37.67 -0.01
CA VAL B 139 -0.58 -38.24 -0.92
C VAL B 139 -1.07 -39.63 -1.35
N GLY B 140 -1.27 -39.83 -2.66
CA GLY B 140 -1.95 -41.03 -3.20
C GLY B 140 -3.30 -41.22 -2.53
N GLU B 141 -3.55 -42.39 -1.94
CA GLU B 141 -4.81 -42.74 -1.23
C GLU B 141 -4.66 -42.50 0.27
N ASP B 142 -3.52 -41.95 0.70
CA ASP B 142 -3.16 -41.73 2.13
C ASP B 142 -3.35 -40.25 2.50
N TYR B 143 -3.53 -39.98 3.79
CA TYR B 143 -3.58 -38.61 4.38
C TYR B 143 -2.48 -38.50 5.44
N TYR B 144 -1.75 -37.38 5.43
CA TYR B 144 -0.62 -37.09 6.34
C TYR B 144 -0.90 -35.80 7.10
N ALA B 145 -0.98 -35.88 8.44
CA ALA B 145 -0.83 -34.74 9.36
C ALA B 145 0.65 -34.34 9.36
N CYS B 146 0.95 -33.04 9.45
CA CYS B 146 2.33 -32.51 9.36
C CYS B 146 2.53 -31.32 10.30
N THR B 147 3.78 -31.08 10.67
CA THR B 147 4.32 -29.78 11.14
C THR B 147 5.23 -29.26 10.03
N GLU B 148 6.44 -28.78 10.34
CA GLU B 148 7.36 -28.17 9.34
C GLU B 148 8.72 -28.86 9.38
N THR B 149 8.79 -30.08 9.93
CA THR B 149 10.03 -30.87 10.11
C THR B 149 10.09 -31.97 9.04
N ASN B 150 11.06 -32.88 9.15
CA ASN B 150 11.28 -34.01 8.23
C ASN B 150 10.23 -35.11 8.49
N PHE B 151 9.56 -35.08 9.65
CA PHE B 151 8.61 -36.11 10.11
C PHE B 151 7.17 -35.69 9.79
N ILE B 152 6.48 -36.50 8.97
CA ILE B 152 5.01 -36.39 8.72
C ILE B 152 4.36 -37.69 9.22
N THR B 153 3.10 -37.60 9.65
CA THR B 153 2.37 -38.71 10.33
C THR B 153 1.17 -39.14 9.48
N LYS B 154 1.22 -40.36 8.92
CA LYS B 154 0.09 -40.99 8.20
C LYS B 154 -1.03 -41.25 9.21
N VAL B 155 -2.25 -40.80 8.88
CA VAL B 155 -3.45 -40.91 9.76
C VAL B 155 -4.60 -41.49 8.96
N ASN B 156 -5.51 -42.19 9.64
CA ASN B 156 -6.76 -42.75 9.07
C ASN B 156 -7.82 -41.67 9.10
N PRO B 157 -8.30 -41.17 7.94
CA PRO B 157 -9.22 -40.03 7.91
C PRO B 157 -10.64 -40.36 8.41
N GLU B 158 -10.98 -41.65 8.56
CA GLU B 158 -12.31 -42.14 9.02
C GLU B 158 -12.31 -42.32 10.54
N THR B 159 -11.27 -42.99 11.09
CA THR B 159 -11.17 -43.38 12.53
C THR B 159 -10.32 -42.37 13.31
N LEU B 160 -9.49 -41.58 12.62
CA LEU B 160 -8.53 -40.59 13.20
C LEU B 160 -7.42 -41.33 13.95
N GLU B 161 -7.19 -42.60 13.61
CA GLU B 161 -6.09 -43.43 14.19
C GLU B 161 -4.76 -43.03 13.53
N THR B 162 -3.69 -43.02 14.30
CA THR B 162 -2.30 -42.79 13.82
C THR B 162 -1.79 -44.10 13.22
N ILE B 163 -1.35 -44.08 11.95
CA ILE B 163 -0.92 -45.29 11.19
C ILE B 163 0.60 -45.43 11.31
N LYS B 164 1.36 -44.41 10.93
CA LYS B 164 2.84 -44.51 10.81
C LYS B 164 3.49 -43.12 10.86
N GLN B 165 4.75 -43.08 11.27
CA GLN B 165 5.67 -41.92 11.13
C GLN B 165 6.49 -42.12 9.86
N VAL B 166 6.58 -41.09 9.01
CA VAL B 166 7.38 -41.08 7.75
C VAL B 166 8.47 -40.02 7.89
N ASP B 167 9.72 -40.40 7.67
CA ASP B 167 10.91 -39.51 7.65
C ASP B 167 11.22 -39.19 6.18
N LEU B 168 10.98 -37.94 5.76
CA LEU B 168 11.18 -37.47 4.37
C LEU B 168 12.67 -37.60 3.98
N CYS B 169 13.58 -37.54 4.96
CA CYS B 169 15.05 -37.65 4.77
C CYS B 169 15.43 -39.04 4.22
N ASN B 170 14.58 -40.04 4.43
CA ASN B 170 14.77 -41.42 3.88
C ASN B 170 14.57 -41.43 2.37
N TYR B 171 13.91 -40.42 1.80
CA TYR B 171 13.41 -40.40 0.40
C TYR B 171 14.09 -39.28 -0.42
N VAL B 172 14.25 -38.08 0.15
CA VAL B 172 14.76 -36.87 -0.58
C VAL B 172 15.65 -36.05 0.34
N SER B 173 16.52 -35.23 -0.26
CA SER B 173 17.50 -34.36 0.44
C SER B 173 16.83 -33.06 0.87
N VAL B 174 16.13 -33.08 2.01
CA VAL B 174 15.58 -31.88 2.70
C VAL B 174 15.67 -32.12 4.22
N ASN B 175 15.96 -31.05 4.98
CA ASN B 175 16.01 -31.08 6.47
C ASN B 175 14.60 -30.90 7.04
N GLY B 176 13.67 -30.42 6.21
CA GLY B 176 12.24 -30.28 6.56
C GLY B 176 11.42 -29.95 5.32
N ALA B 177 10.11 -29.84 5.48
CA ALA B 177 9.17 -29.38 4.43
C ALA B 177 8.02 -28.60 5.11
N THR B 178 7.42 -27.65 4.39
CA THR B 178 6.35 -26.77 4.93
C THR B 178 5.09 -27.60 5.17
N ALA B 179 4.14 -27.04 5.91
CA ALA B 179 2.79 -27.62 6.15
C ALA B 179 1.81 -27.18 5.05
N HIS B 180 2.33 -26.58 3.96
CA HIS B 180 1.53 -26.01 2.86
C HIS B 180 2.03 -26.54 1.50
N PRO B 181 2.02 -27.86 1.27
CA PRO B 181 2.30 -28.39 -0.07
C PRO B 181 1.17 -28.00 -1.02
N HIS B 182 1.51 -27.71 -2.28
CA HIS B 182 0.53 -27.52 -3.38
C HIS B 182 0.18 -28.91 -3.93
N ILE B 183 -1.09 -29.10 -4.29
CA ILE B 183 -1.63 -30.40 -4.79
C ILE B 183 -2.38 -30.13 -6.10
N GLU B 184 -1.81 -30.58 -7.22
CA GLU B 184 -2.44 -30.47 -8.56
C GLU B 184 -3.63 -31.44 -8.63
N ASN B 185 -4.51 -31.26 -9.61
CA ASN B 185 -5.81 -31.99 -9.70
C ASN B 185 -5.57 -33.49 -9.94
N ASP B 186 -4.42 -33.86 -10.53
CA ASP B 186 -4.06 -35.28 -10.81
C ASP B 186 -3.52 -35.96 -9.53
N GLY B 187 -3.20 -35.18 -8.49
CA GLY B 187 -2.76 -35.70 -7.18
C GLY B 187 -1.28 -35.48 -6.94
N THR B 188 -0.55 -34.95 -7.92
CA THR B 188 0.88 -34.56 -7.80
C THR B 188 1.01 -33.57 -6.64
N VAL B 189 1.99 -33.79 -5.75
CA VAL B 189 2.24 -32.93 -4.56
C VAL B 189 3.59 -32.23 -4.75
N TYR B 190 3.59 -30.91 -4.59
CA TYR B 190 4.80 -30.05 -4.58
C TYR B 190 4.97 -29.48 -3.17
N ASN B 191 6.21 -29.40 -2.69
CA ASN B 191 6.56 -28.77 -1.39
C ASN B 191 7.96 -28.18 -1.50
N ILE B 192 8.35 -27.35 -0.52
CA ILE B 192 9.69 -26.71 -0.45
C ILE B 192 10.27 -26.95 0.96
N GLY B 193 11.60 -27.06 1.06
CA GLY B 193 12.31 -27.30 2.32
C GLY B 193 13.76 -26.83 2.24
N ASN B 194 14.32 -26.43 3.38
CA ASN B 194 15.77 -26.09 3.55
C ASN B 194 16.58 -27.37 3.33
N CYS B 195 17.80 -27.23 2.79
N CYS B 195 17.80 -27.24 2.79
CA CYS B 195 18.77 -28.34 2.56
CA CYS B 195 18.75 -28.36 2.58
C CYS B 195 20.18 -27.87 2.87
C CYS B 195 20.18 -27.88 2.86
N PHE B 196 20.85 -28.52 3.83
CA PHE B 196 22.24 -28.19 4.28
C PHE B 196 23.24 -29.08 3.55
N ILE B 202 24.12 -24.32 1.33
CA ILE B 202 22.69 -24.21 1.75
C ILE B 202 21.86 -23.79 0.53
N ALA B 203 20.68 -24.39 0.36
CA ALA B 203 19.70 -24.06 -0.70
C ALA B 203 18.28 -24.39 -0.22
N TYR B 204 17.28 -24.10 -1.05
CA TYR B 204 15.86 -24.52 -0.86
C TYR B 204 15.48 -25.45 -2.01
N ASN B 205 15.03 -26.66 -1.69
CA ASN B 205 14.70 -27.72 -2.67
C ASN B 205 13.18 -27.83 -2.81
N ILE B 206 12.68 -27.86 -4.05
CA ILE B 206 11.27 -28.21 -4.37
C ILE B 206 11.19 -29.73 -4.49
N VAL B 207 10.36 -30.35 -3.65
CA VAL B 207 10.08 -31.83 -3.69
C VAL B 207 8.83 -32.04 -4.54
N LYS B 208 8.86 -33.03 -5.43
CA LYS B 208 7.71 -33.48 -6.25
C LYS B 208 7.39 -34.94 -5.87
N ILE B 209 6.20 -35.17 -5.32
CA ILE B 209 5.63 -36.53 -5.05
C ILE B 209 4.60 -36.80 -6.13
N PRO B 210 4.79 -37.85 -6.98
CA PRO B 210 3.88 -38.11 -8.09
C PRO B 210 2.53 -38.67 -7.64
N PRO B 211 1.52 -38.71 -8.53
CA PRO B 211 0.26 -39.39 -8.23
C PRO B 211 0.47 -40.91 -8.08
N LEU B 212 -0.48 -41.59 -7.43
CA LEU B 212 -0.48 -43.08 -7.31
C LEU B 212 -0.56 -43.68 -8.71
N GLN B 213 0.37 -44.56 -9.06
CA GLN B 213 0.44 -45.25 -10.38
C GLN B 213 -0.31 -46.59 -10.30
N ALA B 214 -0.33 -47.35 -11.40
CA ALA B 214 -1.00 -48.66 -11.53
C ALA B 214 -0.37 -49.69 -10.59
N ASP B 215 0.95 -49.60 -10.37
CA ASP B 215 1.73 -50.54 -9.52
C ASP B 215 1.27 -50.45 -8.06
N LYS B 216 0.64 -49.32 -7.67
CA LYS B 216 -0.02 -49.09 -6.36
C LYS B 216 1.03 -48.98 -5.23
N GLU B 217 2.29 -48.70 -5.57
CA GLU B 217 3.40 -48.52 -4.60
C GLU B 217 3.29 -47.12 -3.98
N ASP B 218 3.88 -46.93 -2.79
CA ASP B 218 3.85 -45.65 -2.03
C ASP B 218 4.44 -44.55 -2.90
N PRO B 219 3.66 -43.51 -3.26
CA PRO B 219 4.18 -42.39 -4.06
C PRO B 219 5.38 -41.66 -3.44
N ILE B 220 5.53 -41.71 -2.10
CA ILE B 220 6.65 -41.04 -1.37
C ILE B 220 7.97 -41.71 -1.75
N SER B 221 7.97 -43.01 -2.07
CA SER B 221 9.17 -43.77 -2.51
C SER B 221 9.61 -43.32 -3.91
N LYS B 222 8.76 -42.57 -4.63
CA LYS B 222 9.06 -42.00 -5.97
C LYS B 222 9.29 -40.48 -5.87
N SER B 223 9.50 -39.95 -4.66
CA SER B 223 9.81 -38.52 -4.40
C SER B 223 11.13 -38.15 -5.09
N GLU B 224 11.25 -36.90 -5.56
CA GLU B 224 12.48 -36.37 -6.19
C GLU B 224 12.53 -34.84 -6.05
N ILE B 225 13.74 -34.29 -6.04
CA ILE B 225 14.00 -32.82 -6.13
C ILE B 225 13.96 -32.43 -7.61
N VAL B 226 13.06 -31.51 -7.99
CA VAL B 226 12.88 -31.06 -9.40
C VAL B 226 13.72 -29.80 -9.65
N VAL B 227 13.76 -28.86 -8.69
CA VAL B 227 14.51 -27.58 -8.85
C VAL B 227 15.01 -27.11 -7.48
N GLN B 228 16.10 -26.34 -7.51
CA GLN B 228 16.76 -25.78 -6.30
C GLN B 228 16.76 -24.25 -6.41
N PHE B 229 16.36 -23.55 -5.35
CA PHE B 229 16.47 -22.08 -5.19
C PHE B 229 17.73 -21.76 -4.39
N PRO B 230 18.49 -20.71 -4.77
CA PRO B 230 19.68 -20.32 -4.02
C PRO B 230 19.32 -19.59 -2.72
N CYS B 231 20.28 -19.48 -1.80
CA CYS B 231 20.12 -18.77 -0.50
C CYS B 231 20.88 -17.44 -0.53
N SER B 232 20.31 -16.40 0.11
CA SER B 232 20.89 -15.04 0.22
C SER B 232 22.14 -15.08 1.10
N ASP B 233 22.13 -15.92 2.14
CA ASP B 233 23.23 -16.10 3.12
C ASP B 233 23.71 -17.56 3.03
N ARG B 234 25.02 -17.76 2.95
CA ARG B 234 25.67 -19.08 2.74
C ARG B 234 25.34 -20.01 3.92
N PHE B 235 25.26 -19.47 5.15
CA PHE B 235 25.16 -20.24 6.41
C PHE B 235 23.81 -20.03 7.12
N LYS B 236 22.92 -19.19 6.57
CA LYS B 236 21.63 -18.83 7.23
C LYS B 236 20.50 -18.88 6.21
N PRO B 237 19.71 -19.98 6.16
CA PRO B 237 18.52 -20.02 5.31
C PRO B 237 17.37 -19.22 5.94
N SER B 238 16.50 -18.66 5.09
CA SER B 238 15.27 -17.96 5.52
C SER B 238 14.25 -19.01 6.00
N TYR B 239 13.44 -18.66 7.00
CA TYR B 239 12.22 -19.40 7.37
C TYR B 239 11.26 -19.36 6.18
N VAL B 240 10.74 -20.52 5.77
CA VAL B 240 9.76 -20.64 4.64
C VAL B 240 8.54 -21.42 5.15
N HIS B 241 7.36 -20.81 5.07
CA HIS B 241 6.07 -21.35 5.58
C HIS B 241 5.21 -21.87 4.42
N SER B 242 5.30 -21.24 3.24
CA SER B 242 4.51 -21.56 2.03
C SER B 242 5.24 -21.06 0.78
N PHE B 243 4.71 -21.36 -0.39
CA PHE B 243 5.27 -20.97 -1.71
C PHE B 243 4.13 -20.89 -2.73
N GLY B 244 4.39 -20.26 -3.88
CA GLY B 244 3.42 -20.09 -4.98
C GLY B 244 3.64 -21.11 -6.08
N LEU B 245 2.56 -21.57 -6.71
CA LEU B 245 2.61 -22.52 -7.85
C LEU B 245 1.57 -22.14 -8.90
N THR B 246 2.01 -22.04 -10.16
CA THR B 246 1.15 -21.87 -11.36
C THR B 246 1.38 -23.09 -12.25
N PRO B 247 0.62 -23.27 -13.37
CA PRO B 247 0.90 -24.36 -14.29
C PRO B 247 2.36 -24.41 -14.74
N ASN B 248 3.01 -23.25 -14.90
CA ASN B 248 4.33 -23.11 -15.58
C ASN B 248 5.42 -22.64 -14.62
N TYR B 249 5.09 -22.11 -13.43
CA TYR B 249 6.08 -21.44 -12.55
C TYR B 249 5.90 -21.82 -11.08
N ILE B 250 7.02 -21.81 -10.36
CA ILE B 250 7.13 -21.93 -8.88
C ILE B 250 7.64 -20.57 -8.36
N VAL B 251 6.95 -19.97 -7.39
CA VAL B 251 7.36 -18.67 -6.76
C VAL B 251 7.76 -18.95 -5.31
N PHE B 252 8.96 -18.51 -4.93
CA PHE B 252 9.52 -18.63 -3.55
C PHE B 252 9.89 -17.23 -3.06
N VAL B 253 9.42 -16.86 -1.87
CA VAL B 253 9.67 -15.53 -1.23
C VAL B 253 10.66 -15.73 -0.08
N GLU B 254 11.88 -15.22 -0.24
CA GLU B 254 12.98 -15.29 0.77
C GLU B 254 12.90 -14.05 1.65
N THR B 255 12.47 -14.22 2.90
CA THR B 255 12.19 -13.12 3.87
C THR B 255 13.42 -12.86 4.74
N PRO B 256 13.49 -11.71 5.43
CA PRO B 256 14.61 -11.42 6.34
C PRO B 256 14.61 -12.21 7.65
N VAL B 257 13.62 -13.08 7.88
CA VAL B 257 13.56 -14.01 9.04
C VAL B 257 14.50 -15.19 8.76
N LYS B 258 15.67 -15.22 9.40
CA LYS B 258 16.76 -16.20 9.12
C LYS B 258 16.87 -17.21 10.27
N ILE B 259 17.29 -18.44 9.93
CA ILE B 259 17.62 -19.53 10.89
C ILE B 259 19.15 -19.54 11.06
N ASN B 260 19.64 -19.27 12.27
CA ASN B 260 21.09 -19.24 12.59
C ASN B 260 21.56 -20.66 12.89
N LEU B 261 22.27 -21.28 11.94
CA LEU B 261 22.70 -22.70 12.00
C LEU B 261 23.83 -22.87 13.03
N PHE B 262 24.60 -21.82 13.30
CA PHE B 262 25.66 -21.80 14.35
C PHE B 262 25.02 -22.03 15.72
N LYS B 263 23.95 -21.30 16.04
CA LYS B 263 23.16 -21.43 17.29
C LYS B 263 22.38 -22.75 17.28
N PHE B 264 21.94 -23.20 16.09
CA PHE B 264 21.10 -24.40 15.88
C PHE B 264 21.84 -25.66 16.37
N GLY B 272 20.26 -25.96 26.49
CA GLY B 272 18.80 -25.86 26.69
C GLY B 272 18.17 -24.88 25.71
N ALA B 273 18.43 -25.06 24.41
CA ALA B 273 17.91 -24.20 23.31
C ALA B 273 16.70 -24.88 22.65
N ASN B 274 15.74 -24.08 22.19
CA ASN B 274 14.59 -24.53 21.35
C ASN B 274 14.77 -23.95 19.95
N TYR B 275 13.77 -24.13 19.07
CA TYR B 275 13.81 -23.68 17.66
C TYR B 275 13.73 -22.14 17.61
N MET B 276 12.83 -21.53 18.39
CA MET B 276 12.63 -20.06 18.47
C MET B 276 13.95 -19.34 18.76
N ASP B 277 14.81 -19.93 19.60
CA ASP B 277 16.11 -19.34 20.05
C ASP B 277 17.05 -19.16 18.85
N CYS B 278 16.83 -19.88 17.75
CA CYS B 278 17.77 -19.95 16.59
C CYS B 278 17.38 -18.95 15.49
N PHE B 279 16.20 -18.32 15.59
CA PHE B 279 15.71 -17.31 14.60
C PHE B 279 16.31 -15.94 14.91
N GLU B 280 16.68 -15.22 13.86
CA GLU B 280 17.13 -13.80 13.92
C GLU B 280 16.63 -13.07 12.66
N SER B 281 16.66 -11.73 12.70
CA SER B 281 16.19 -10.86 11.60
C SER B 281 17.39 -10.22 10.90
N ASN B 282 17.49 -10.39 9.57
CA ASN B 282 18.45 -9.67 8.71
C ASN B 282 17.83 -8.29 8.39
N GLU B 283 18.47 -7.21 8.85
CA GLU B 283 17.91 -5.84 8.81
C GLU B 283 18.05 -5.21 7.42
N THR B 284 19.05 -5.63 6.63
CA THR B 284 19.50 -4.92 5.40
C THR B 284 18.99 -5.59 4.11
N MET B 285 18.75 -6.90 4.10
CA MET B 285 18.49 -7.66 2.86
C MET B 285 17.08 -7.36 2.29
N GLY B 286 16.13 -6.97 3.12
CA GLY B 286 14.71 -6.84 2.74
C GLY B 286 14.14 -8.19 2.32
N VAL B 287 13.31 -8.22 1.27
CA VAL B 287 12.71 -9.48 0.74
C VAL B 287 13.24 -9.73 -0.68
N TRP B 288 13.75 -10.94 -0.93
CA TRP B 288 14.15 -11.45 -2.26
C TRP B 288 13.06 -12.39 -2.76
N LEU B 289 12.47 -12.13 -3.94
CA LEU B 289 11.49 -13.03 -4.58
C LEU B 289 12.18 -13.81 -5.69
N HIS B 290 11.83 -15.10 -5.83
CA HIS B 290 12.47 -16.09 -6.71
C HIS B 290 11.41 -16.82 -7.53
N ILE B 291 11.64 -17.01 -8.83
CA ILE B 291 10.77 -17.81 -9.73
C ILE B 291 11.63 -18.93 -10.35
N ALA B 292 11.03 -20.11 -10.52
CA ALA B 292 11.61 -21.26 -11.25
C ALA B 292 10.62 -21.72 -12.33
N ASP B 293 11.15 -22.15 -13.48
CA ASP B 293 10.36 -22.82 -14.55
C ASP B 293 10.01 -24.22 -14.06
N LYS B 294 8.71 -24.51 -13.88
CA LYS B 294 8.19 -25.78 -13.31
C LYS B 294 8.50 -26.94 -14.26
N LYS B 295 8.20 -26.78 -15.54
CA LYS B 295 8.22 -27.88 -16.56
C LYS B 295 9.66 -28.12 -17.04
N ARG B 296 10.47 -27.06 -17.16
CA ARG B 296 11.89 -27.15 -17.59
C ARG B 296 12.79 -27.38 -16.38
N LYS B 297 12.23 -27.28 -15.16
CA LYS B 297 12.92 -27.61 -13.88
C LYS B 297 14.21 -26.79 -13.76
N LYS B 298 14.12 -25.47 -13.98
N LYS B 298 14.10 -25.47 -13.96
CA LYS B 298 15.29 -24.56 -14.02
CA LYS B 298 15.25 -24.53 -14.05
C LYS B 298 14.96 -23.27 -13.25
C LYS B 298 14.94 -23.27 -13.23
N TYR B 299 15.89 -22.84 -12.39
CA TYR B 299 15.83 -21.55 -11.67
C TYR B 299 16.07 -20.41 -12.66
N ILE B 300 15.27 -19.33 -12.56
CA ILE B 300 15.40 -18.12 -13.41
C ILE B 300 16.14 -17.04 -12.59
N ASN B 301 17.24 -16.52 -13.14
CA ASN B 301 18.15 -15.57 -12.44
C ASN B 301 17.62 -14.15 -12.59
N ASN B 302 16.39 -13.91 -12.12
CA ASN B 302 15.76 -12.57 -12.03
C ASN B 302 15.82 -12.14 -10.56
N LYS B 303 16.57 -11.06 -10.28
N LYS B 303 16.57 -11.06 -10.29
CA LYS B 303 16.84 -10.57 -8.91
CA LYS B 303 16.84 -10.55 -8.92
C LYS B 303 15.72 -9.61 -8.48
C LYS B 303 15.71 -9.60 -8.48
N TYR B 304 14.53 -10.16 -8.18
CA TYR B 304 13.36 -9.42 -7.65
C TYR B 304 13.66 -9.04 -6.20
N ARG B 305 13.46 -7.76 -5.85
CA ARG B 305 13.80 -7.19 -4.53
C ARG B 305 12.65 -6.28 -4.08
N THR B 306 12.37 -6.25 -2.77
CA THR B 306 11.42 -5.29 -2.16
C THR B 306 11.76 -5.10 -0.67
N SER B 307 10.96 -4.28 0.01
N SER B 307 10.95 -4.29 0.01
CA SER B 307 11.12 -3.90 1.44
CA SER B 307 11.11 -3.90 1.44
C SER B 307 10.85 -5.10 2.34
C SER B 307 10.84 -5.09 2.34
N PRO B 308 11.36 -5.11 3.59
CA PRO B 308 11.17 -6.26 4.48
C PRO B 308 9.73 -6.49 4.96
N PHE B 309 9.31 -7.75 4.95
CA PHE B 309 8.06 -8.23 5.59
C PHE B 309 8.24 -9.70 6.00
N ASN B 310 7.50 -10.14 7.01
CA ASN B 310 7.24 -11.57 7.29
C ASN B 310 6.19 -12.05 6.28
N LEU B 311 6.32 -13.29 5.81
CA LEU B 311 5.29 -13.97 4.98
C LEU B 311 5.09 -15.39 5.54
N PHE B 312 3.84 -15.74 5.81
CA PHE B 312 3.44 -17.12 6.19
C PHE B 312 2.63 -17.71 5.03
N HIS B 313 1.58 -17.03 4.58
CA HIS B 313 0.59 -17.57 3.62
C HIS B 313 0.56 -16.77 2.31
N HIS B 314 0.98 -17.41 1.23
CA HIS B 314 0.53 -17.11 -0.16
C HIS B 314 -0.99 -17.29 -0.20
N ILE B 315 -1.70 -16.37 -0.86
CA ILE B 315 -3.17 -16.48 -1.10
C ILE B 315 -3.36 -17.30 -2.38
N ASN B 316 -2.79 -16.83 -3.48
CA ASN B 316 -2.85 -17.49 -4.82
C ASN B 316 -1.81 -16.82 -5.71
N THR B 317 -1.35 -17.55 -6.73
CA THR B 317 -0.41 -17.08 -7.77
C THR B 317 -1.03 -17.43 -9.13
N TYR B 318 -0.86 -16.59 -10.15
CA TYR B 318 -1.29 -16.91 -11.52
C TYR B 318 -0.50 -16.11 -12.56
N GLU B 319 -0.60 -16.55 -13.81
CA GLU B 319 0.09 -15.96 -14.98
C GLU B 319 -0.88 -15.03 -15.71
N ASP B 320 -0.39 -13.86 -16.13
CA ASP B 320 -1.18 -12.86 -16.89
C ASP B 320 -0.23 -12.15 -17.86
N HIS B 321 -0.22 -12.58 -19.13
CA HIS B 321 0.53 -11.98 -20.26
C HIS B 321 2.02 -11.82 -19.88
N GLU B 322 2.68 -12.90 -19.47
CA GLU B 322 4.14 -12.92 -19.17
C GLU B 322 4.43 -12.06 -17.91
N PHE B 323 3.48 -11.98 -16.99
CA PHE B 323 3.65 -11.46 -15.61
C PHE B 323 3.10 -12.49 -14.63
N LEU B 324 3.77 -12.70 -13.50
CA LEU B 324 3.26 -13.51 -12.37
C LEU B 324 2.58 -12.57 -11.36
N ILE B 325 1.29 -12.82 -11.11
CA ILE B 325 0.49 -12.13 -10.06
C ILE B 325 0.68 -12.92 -8.76
N VAL B 326 1.27 -12.30 -7.74
CA VAL B 326 1.68 -12.96 -6.47
C VAL B 326 0.92 -12.26 -5.32
N ASP B 327 -0.19 -12.86 -4.88
CA ASP B 327 -1.04 -12.34 -3.78
C ASP B 327 -0.56 -12.95 -2.46
N LEU B 328 -0.18 -12.11 -1.50
CA LEU B 328 0.47 -12.49 -0.23
C LEU B 328 -0.26 -11.88 0.97
N CYS B 329 -0.32 -12.63 2.07
CA CYS B 329 -0.62 -12.11 3.43
C CYS B 329 0.69 -11.71 4.10
N CYS B 330 0.98 -10.40 4.17
CA CYS B 330 2.28 -9.84 4.62
C CYS B 330 2.15 -9.28 6.03
N TRP B 331 3.28 -9.20 6.74
CA TRP B 331 3.46 -8.48 8.02
C TRP B 331 4.62 -7.49 7.84
N LYS B 332 4.32 -6.18 7.90
CA LYS B 332 5.27 -5.09 7.55
C LYS B 332 6.30 -4.93 8.67
N GLY B 333 7.56 -5.30 8.40
CA GLY B 333 8.67 -5.32 9.37
C GLY B 333 9.51 -6.58 9.21
N PHE B 334 10.70 -6.62 9.82
CA PHE B 334 11.61 -7.79 9.74
C PHE B 334 11.61 -8.57 11.07
N GLU B 335 11.06 -8.01 12.15
CA GLU B 335 10.91 -8.75 13.44
C GLU B 335 9.99 -9.95 13.20
N PHE B 336 10.36 -11.12 13.76
CA PHE B 336 9.62 -12.40 13.61
C PHE B 336 8.29 -12.28 14.36
N VAL B 337 7.17 -12.42 13.64
CA VAL B 337 5.79 -12.28 14.17
C VAL B 337 5.53 -13.36 15.23
N TYR B 338 6.22 -14.49 15.14
CA TYR B 338 6.09 -15.65 16.08
C TYR B 338 6.50 -15.23 17.50
N ASN B 339 7.29 -14.16 17.65
CA ASN B 339 7.70 -13.58 18.96
C ASN B 339 6.46 -13.15 19.76
N TYR B 340 5.33 -12.88 19.09
CA TYR B 340 4.09 -12.35 19.72
C TYR B 340 3.08 -13.48 19.98
N LEU B 341 3.47 -14.74 19.75
CA LEU B 341 2.55 -15.91 19.79
C LEU B 341 2.94 -16.89 20.92
N TYR B 342 3.55 -16.42 22.01
CA TYR B 342 3.73 -17.19 23.26
C TYR B 342 2.38 -17.23 23.98
N LEU B 343 2.04 -18.38 24.59
CA LEU B 343 0.71 -18.64 25.20
C LEU B 343 0.47 -17.67 26.36
N ALA B 344 1.51 -17.34 27.12
CA ALA B 344 1.47 -16.40 28.27
C ALA B 344 0.92 -15.05 27.80
N ASN B 345 1.30 -14.62 26.60
CA ASN B 345 0.89 -13.31 26.01
C ASN B 345 -0.52 -13.43 25.43
N LEU B 346 -0.83 -14.54 24.75
CA LEU B 346 -2.16 -14.80 24.13
C LEU B 346 -3.23 -15.05 25.21
N ARG B 347 -2.82 -15.37 26.45
CA ARG B 347 -3.74 -15.68 27.58
C ARG B 347 -3.95 -14.45 28.47
N GLU B 348 -3.27 -13.33 28.20
CA GLU B 348 -3.41 -12.07 28.98
C GLU B 348 -4.80 -11.48 28.74
N ASN B 349 -5.21 -10.53 29.58
CA ASN B 349 -6.50 -9.79 29.44
C ASN B 349 -6.41 -8.87 28.22
N TRP B 350 -7.56 -8.46 27.69
CA TRP B 350 -7.71 -7.87 26.33
C TRP B 350 -6.86 -6.60 26.18
N GLU B 351 -6.89 -5.71 27.17
CA GLU B 351 -6.15 -4.41 27.12
C GLU B 351 -4.65 -4.69 27.03
N GLU B 352 -4.17 -5.74 27.70
CA GLU B 352 -2.74 -6.14 27.69
C GLU B 352 -2.40 -6.81 26.36
N VAL B 353 -3.32 -7.60 25.80
CA VAL B 353 -3.18 -8.26 24.47
C VAL B 353 -2.97 -7.16 23.40
N LYS B 354 -3.79 -6.10 23.44
CA LYS B 354 -3.74 -4.98 22.47
C LYS B 354 -2.42 -4.21 22.63
N LYS B 355 -1.99 -3.95 23.87
CA LYS B 355 -0.72 -3.23 24.17
C LYS B 355 0.47 -4.03 23.63
N ASN B 356 0.46 -5.35 23.81
CA ASN B 356 1.55 -6.27 23.39
C ASN B 356 1.74 -6.22 21.87
N ALA B 357 0.66 -6.02 21.11
CA ALA B 357 0.66 -6.06 19.62
C ALA B 357 1.04 -4.69 19.03
N ARG B 358 1.11 -3.63 19.85
CA ARG B 358 1.32 -2.22 19.39
C ARG B 358 2.57 -2.10 18.53
N LYS B 359 3.68 -2.74 18.94
CA LYS B 359 5.00 -2.61 18.26
C LYS B 359 5.25 -3.79 17.31
N ALA B 360 4.27 -4.68 17.13
CA ALA B 360 4.36 -5.84 16.22
C ALA B 360 4.30 -5.35 14.77
N PRO B 361 4.86 -6.13 13.81
CA PRO B 361 4.64 -5.83 12.39
C PRO B 361 3.14 -5.72 12.08
N GLN B 362 2.77 -4.81 11.17
CA GLN B 362 1.37 -4.56 10.76
C GLN B 362 1.00 -5.53 9.63
N PRO B 363 -0.14 -6.25 9.73
CA PRO B 363 -0.59 -7.14 8.66
C PRO B 363 -1.11 -6.33 7.46
N GLU B 364 -0.96 -6.89 6.26
CA GLU B 364 -1.37 -6.23 4.99
C GLU B 364 -1.42 -7.27 3.87
N VAL B 365 -2.55 -7.33 3.14
CA VAL B 365 -2.68 -8.15 1.90
C VAL B 365 -2.09 -7.34 0.75
N ARG B 366 -1.08 -7.90 0.07
CA ARG B 366 -0.33 -7.23 -1.01
C ARG B 366 -0.34 -8.10 -2.28
N ARG B 367 -0.55 -7.45 -3.42
CA ARG B 367 -0.35 -8.04 -4.77
C ARG B 367 0.98 -7.54 -5.32
N TYR B 368 1.94 -8.44 -5.54
CA TYR B 368 3.20 -8.17 -6.27
C TYR B 368 3.05 -8.72 -7.68
N VAL B 369 3.58 -7.99 -8.68
CA VAL B 369 3.57 -8.40 -10.10
C VAL B 369 5.02 -8.55 -10.57
N LEU B 370 5.41 -9.77 -10.94
CA LEU B 370 6.79 -10.14 -11.33
C LEU B 370 6.85 -10.22 -12.85
N PRO B 371 7.53 -9.27 -13.54
CA PRO B 371 7.71 -9.38 -14.99
C PRO B 371 8.65 -10.54 -15.35
N LEU B 372 8.27 -11.34 -16.36
CA LEU B 372 9.06 -12.50 -16.86
C LEU B 372 9.98 -12.05 -18.00
N ASN B 373 9.57 -11.03 -18.77
CA ASN B 373 10.34 -10.48 -19.93
C ASN B 373 11.01 -9.18 -19.52
N ILE B 374 12.30 -9.24 -19.19
CA ILE B 374 13.15 -8.08 -18.77
C ILE B 374 13.99 -7.63 -19.97
N ASP B 375 13.65 -6.48 -20.55
CA ASP B 375 14.45 -5.82 -21.63
C ASP B 375 15.36 -4.76 -20.99
N LYS B 376 16.67 -4.87 -21.21
CA LYS B 376 17.71 -3.93 -20.71
C LYS B 376 17.38 -2.50 -21.12
N ALA B 377 16.76 -2.32 -22.30
CA ALA B 377 16.34 -1.01 -22.86
C ALA B 377 15.36 -0.30 -21.93
N ASP B 378 14.66 -1.03 -21.05
CA ASP B 378 13.67 -0.46 -20.09
C ASP B 378 14.33 -0.18 -18.73
N THR B 379 15.66 -0.18 -18.65
CA THR B 379 16.41 0.14 -17.40
C THR B 379 15.94 1.49 -16.86
N GLY B 380 15.58 1.54 -15.57
CA GLY B 380 15.16 2.75 -14.85
C GLY B 380 13.66 2.99 -14.92
N LYS B 381 12.92 2.12 -15.61
CA LYS B 381 11.46 2.29 -15.87
C LYS B 381 10.66 1.18 -15.18
N ASN B 382 9.35 1.39 -15.06
CA ASN B 382 8.36 0.44 -14.52
C ASN B 382 8.01 -0.57 -15.63
N LEU B 383 8.26 -1.86 -15.39
CA LEU B 383 8.06 -2.96 -16.38
C LEU B 383 6.61 -3.47 -16.36
N VAL B 384 5.84 -3.16 -15.31
CA VAL B 384 4.46 -3.68 -15.12
C VAL B 384 3.51 -2.86 -15.99
N THR B 385 3.32 -3.31 -17.24
CA THR B 385 2.53 -2.63 -18.29
C THR B 385 1.07 -3.10 -18.26
N LEU B 386 0.72 -4.03 -17.37
CA LEU B 386 -0.67 -4.52 -17.17
C LEU B 386 -1.58 -3.33 -16.86
N PRO B 387 -2.82 -3.30 -17.39
CA PRO B 387 -3.69 -2.13 -17.27
C PRO B 387 -4.57 -2.05 -16.01
N ASN B 388 -4.58 -3.11 -15.18
CA ASN B 388 -5.55 -3.32 -14.07
CA ASN B 388 -5.56 -3.23 -14.06
C ASN B 388 -4.83 -3.41 -12.72
N THR B 389 -3.60 -2.91 -12.61
CA THR B 389 -2.79 -2.97 -11.37
C THR B 389 -2.00 -1.67 -11.17
N THR B 390 -1.72 -1.34 -9.91
CA THR B 390 -0.83 -0.22 -9.48
C THR B 390 0.50 -0.77 -8.97
N ALA B 391 0.67 -2.10 -8.96
CA ALA B 391 1.96 -2.78 -8.66
C ALA B 391 3.00 -2.36 -9.71
N THR B 392 4.24 -2.13 -9.29
CA THR B 392 5.36 -1.68 -10.16
C THR B 392 6.57 -2.60 -9.97
N ALA B 393 7.43 -2.66 -10.98
CA ALA B 393 8.71 -3.39 -10.99
C ALA B 393 9.74 -2.56 -11.74
N ILE B 394 10.67 -1.93 -11.02
CA ILE B 394 11.70 -1.01 -11.59
C ILE B 394 12.97 -1.83 -11.89
N LEU B 395 13.37 -1.89 -13.16
CA LEU B 395 14.66 -2.49 -13.58
C LEU B 395 15.78 -1.50 -13.29
N CYS B 396 16.69 -1.84 -12.37
CA CYS B 396 17.86 -1.03 -11.97
C CYS B 396 19.07 -1.40 -12.82
N SER B 397 20.12 -0.57 -12.78
N SER B 397 20.11 -0.56 -12.78
CA SER B 397 21.37 -0.72 -13.57
CA SER B 397 21.38 -0.71 -13.55
C SER B 397 22.15 -1.96 -13.12
C SER B 397 22.13 -1.97 -13.12
N ASP B 398 22.06 -2.32 -11.83
CA ASP B 398 22.71 -3.53 -11.26
C ASP B 398 21.86 -4.78 -11.56
N GLU B 399 20.74 -4.60 -12.27
CA GLU B 399 19.86 -5.68 -12.82
C GLU B 399 18.93 -6.22 -11.72
N THR B 400 18.95 -5.64 -10.52
CA THR B 400 17.91 -5.89 -9.48
C THR B 400 16.59 -5.30 -10.00
N ILE B 401 15.48 -5.98 -9.72
CA ILE B 401 14.11 -5.53 -10.11
C ILE B 401 13.36 -5.15 -8.82
N TRP B 402 13.27 -3.86 -8.53
CA TRP B 402 12.64 -3.34 -7.29
C TRP B 402 11.12 -3.36 -7.45
N LEU B 403 10.42 -4.08 -6.56
CA LEU B 403 8.94 -4.26 -6.61
C LEU B 403 8.27 -3.34 -5.59
N GLU B 404 7.16 -2.71 -6.00
CA GLU B 404 6.18 -2.06 -5.09
C GLU B 404 4.86 -2.82 -5.22
N PRO B 405 4.15 -3.10 -4.11
CA PRO B 405 2.90 -3.83 -4.16
C PRO B 405 1.68 -2.94 -4.48
N GLU B 406 0.62 -3.58 -4.96
CA GLU B 406 -0.77 -3.07 -4.88
C GLU B 406 -1.37 -3.63 -3.58
N VAL B 407 -1.75 -2.76 -2.65
CA VAL B 407 -2.36 -3.16 -1.34
C VAL B 407 -3.84 -3.50 -1.60
N LEU B 408 -4.25 -4.74 -1.28
CA LEU B 408 -5.62 -5.25 -1.50
C LEU B 408 -6.47 -5.01 -0.25
N PHE B 409 -5.88 -5.14 0.95
CA PHE B 409 -6.54 -4.90 2.25
C PHE B 409 -5.52 -4.51 3.32
N SER B 410 -5.88 -3.53 4.15
CA SER B 410 -5.05 -3.01 5.27
C SER B 410 -5.96 -2.49 6.38
N GLY B 411 -5.85 -3.05 7.59
CA GLY B 411 -6.55 -2.60 8.80
C GLY B 411 -5.62 -2.58 10.01
N PRO B 412 -5.77 -1.61 10.94
CA PRO B 412 -4.86 -1.47 12.07
C PRO B 412 -4.84 -2.69 13.01
N ARG B 413 -3.80 -3.52 12.90
CA ARG B 413 -3.64 -4.80 13.65
C ARG B 413 -4.85 -5.70 13.36
N GLN B 414 -5.45 -5.53 12.18
CA GLN B 414 -6.57 -6.35 11.65
C GLN B 414 -6.03 -7.17 10.48
N ALA B 415 -5.55 -8.38 10.76
CA ALA B 415 -4.93 -9.28 9.76
C ALA B 415 -6.01 -10.10 9.05
N PHE B 416 -6.07 -10.00 7.73
CA PHE B 416 -6.70 -11.00 6.83
C PHE B 416 -5.68 -12.14 6.68
N GLU B 417 -5.86 -13.22 7.43
CA GLU B 417 -4.88 -14.33 7.55
C GLU B 417 -5.57 -15.66 7.28
N PHE B 418 -4.80 -16.76 7.28
CA PHE B 418 -5.25 -18.13 6.96
C PHE B 418 -6.08 -18.10 5.69
N PRO B 419 -5.51 -17.55 4.58
CA PRO B 419 -6.28 -17.35 3.35
C PRO B 419 -6.65 -18.68 2.69
N GLN B 420 -7.85 -18.74 2.11
CA GLN B 420 -8.35 -19.89 1.31
C GLN B 420 -9.05 -19.35 0.06
N ILE B 421 -9.03 -20.11 -1.02
CA ILE B 421 -9.73 -19.81 -2.29
C ILE B 421 -10.52 -21.06 -2.71
N ASN B 422 -11.27 -20.97 -3.82
CA ASN B 422 -11.80 -22.15 -4.55
C ASN B 422 -10.59 -22.82 -5.23
N TYR B 423 -9.81 -23.57 -4.44
CA TYR B 423 -8.44 -24.05 -4.80
C TYR B 423 -8.50 -24.99 -6.01
N GLN B 424 -9.45 -25.93 -6.01
CA GLN B 424 -9.50 -27.03 -7.01
C GLN B 424 -9.66 -26.48 -8.44
N LYS B 425 -10.37 -25.37 -8.60
N LYS B 425 -10.38 -25.37 -8.60
CA LYS B 425 -10.72 -24.80 -9.94
CA LYS B 425 -10.74 -24.77 -9.91
C LYS B 425 -9.92 -23.52 -10.22
C LYS B 425 -9.86 -23.56 -10.22
N TYR B 426 -9.48 -22.77 -9.20
CA TYR B 426 -8.84 -21.43 -9.37
C TYR B 426 -7.42 -21.37 -8.79
N GLY B 427 -6.96 -22.45 -8.14
CA GLY B 427 -5.55 -22.55 -7.68
C GLY B 427 -4.59 -22.45 -8.84
N GLY B 428 -3.67 -21.47 -8.79
CA GLY B 428 -2.64 -21.25 -9.82
C GLY B 428 -3.18 -20.51 -11.05
N LYS B 429 -4.41 -20.02 -10.99
CA LYS B 429 -5.13 -19.45 -12.17
C LYS B 429 -5.75 -18.09 -11.81
N PRO B 430 -6.04 -17.25 -12.81
CA PRO B 430 -6.79 -16.01 -12.58
C PRO B 430 -8.02 -16.26 -11.70
N TYR B 431 -8.23 -15.38 -10.72
CA TYR B 431 -9.27 -15.56 -9.66
C TYR B 431 -9.70 -14.18 -9.14
N THR B 432 -10.78 -14.15 -8.37
CA THR B 432 -11.45 -12.92 -7.88
C THR B 432 -11.57 -12.93 -6.35
N TYR B 433 -11.79 -14.09 -5.73
CA TYR B 433 -12.26 -14.22 -4.32
C TYR B 433 -11.24 -14.98 -3.47
N ALA B 434 -10.94 -14.40 -2.30
CA ALA B 434 -10.20 -15.05 -1.20
C ALA B 434 -11.06 -14.98 0.06
N TYR B 435 -11.00 -16.02 0.89
CA TYR B 435 -11.63 -16.10 2.23
C TYR B 435 -10.51 -16.14 3.28
N GLY B 436 -10.75 -15.54 4.44
CA GLY B 436 -9.71 -15.39 5.47
C GLY B 436 -10.27 -15.40 6.88
N LEU B 437 -9.44 -15.81 7.84
CA LEU B 437 -9.67 -15.61 9.29
C LEU B 437 -9.13 -14.23 9.66
N GLY B 438 -9.99 -13.37 10.23
CA GLY B 438 -9.63 -12.01 10.66
C GLY B 438 -9.04 -12.04 12.06
N LEU B 439 -7.77 -11.60 12.20
CA LEU B 439 -7.07 -11.50 13.51
C LEU B 439 -7.16 -10.06 14.02
N ASN B 440 -7.59 -9.91 15.28
CA ASN B 440 -7.71 -8.62 16.00
C ASN B 440 -6.62 -8.60 17.09
N HIS B 441 -5.49 -7.94 16.82
CA HIS B 441 -4.28 -7.99 17.69
C HIS B 441 -3.90 -9.46 17.94
N PHE B 442 -3.96 -10.29 16.89
CA PHE B 442 -3.57 -11.73 16.84
C PHE B 442 -4.72 -12.64 17.32
N VAL B 443 -5.80 -12.09 17.87
CA VAL B 443 -6.98 -12.87 18.34
C VAL B 443 -7.94 -13.06 17.17
N PRO B 444 -8.26 -14.31 16.77
CA PRO B 444 -9.21 -14.55 15.69
C PRO B 444 -10.66 -14.29 16.16
N ASP B 445 -11.35 -13.31 15.56
CA ASP B 445 -12.69 -12.86 16.05
C ASP B 445 -13.69 -12.63 14.90
N ARG B 446 -13.37 -13.02 13.68
CA ARG B 446 -14.25 -12.79 12.49
C ARG B 446 -13.78 -13.62 11.30
N LEU B 447 -14.69 -13.81 10.34
CA LEU B 447 -14.41 -14.42 9.01
C LEU B 447 -14.58 -13.33 7.94
N CYS B 448 -13.71 -13.34 6.92
CA CYS B 448 -13.60 -12.26 5.90
C CYS B 448 -13.63 -12.87 4.50
N LYS B 449 -14.26 -12.15 3.56
CA LYS B 449 -14.17 -12.42 2.10
C LYS B 449 -13.59 -11.16 1.45
N LEU B 450 -12.64 -11.35 0.53
CA LEU B 450 -11.94 -10.26 -0.20
C LEU B 450 -12.10 -10.49 -1.70
N ASN B 451 -12.71 -9.53 -2.41
CA ASN B 451 -12.65 -9.42 -3.88
C ASN B 451 -11.33 -8.74 -4.24
N VAL B 452 -10.38 -9.49 -4.81
CA VAL B 452 -8.99 -9.01 -5.06
C VAL B 452 -8.94 -8.10 -6.30
N LYS B 453 -10.03 -8.02 -7.08
CA LYS B 453 -10.16 -7.10 -8.25
C LYS B 453 -10.71 -5.74 -7.78
N THR B 454 -11.79 -5.73 -6.99
CA THR B 454 -12.51 -4.50 -6.55
C THR B 454 -12.05 -4.04 -5.17
N LYS B 455 -11.45 -4.94 -4.37
CA LYS B 455 -11.00 -4.71 -2.98
C LYS B 455 -12.20 -4.57 -2.04
N GLU B 456 -13.41 -4.91 -2.50
CA GLU B 456 -14.61 -5.00 -1.63
C GLU B 456 -14.40 -6.15 -0.62
N THR B 457 -14.88 -5.96 0.62
CA THR B 457 -14.79 -6.98 1.70
C THR B 457 -16.19 -7.30 2.23
N TRP B 458 -16.36 -8.53 2.71
CA TRP B 458 -17.53 -9.00 3.50
C TRP B 458 -17.00 -9.50 4.84
N VAL B 459 -17.74 -9.31 5.93
CA VAL B 459 -17.35 -9.76 7.30
C VAL B 459 -18.52 -10.50 7.94
N TRP B 460 -18.24 -11.65 8.55
CA TRP B 460 -19.12 -12.32 9.53
C TRP B 460 -18.47 -12.21 10.92
N GLN B 461 -19.24 -11.76 11.91
CA GLN B 461 -18.73 -11.51 13.28
C GLN B 461 -19.90 -11.53 14.28
N GLU B 462 -19.72 -12.27 15.37
CA GLU B 462 -20.59 -12.22 16.58
C GLU B 462 -19.72 -11.98 17.80
N PRO B 463 -20.25 -11.31 18.86
CA PRO B 463 -19.48 -11.07 20.07
C PRO B 463 -19.00 -12.36 20.74
N ASP B 464 -17.80 -12.34 21.32
CA ASP B 464 -17.24 -13.45 22.14
C ASP B 464 -17.26 -14.76 21.33
N SER B 465 -16.98 -14.69 20.02
CA SER B 465 -16.95 -15.85 19.08
C SER B 465 -15.64 -15.83 18.30
N TYR B 466 -14.85 -16.91 18.41
CA TYR B 466 -13.44 -16.99 17.95
C TYR B 466 -13.33 -18.07 16.88
N PRO B 467 -13.46 -17.71 15.58
CA PRO B 467 -13.49 -18.68 14.48
C PRO B 467 -12.10 -19.21 14.10
N SER B 468 -12.09 -20.21 13.21
CA SER B 468 -10.89 -20.83 12.61
C SER B 468 -10.82 -20.46 11.12
N GLU B 469 -9.70 -20.78 10.47
CA GLU B 469 -9.53 -20.71 9.00
C GLU B 469 -10.81 -21.17 8.32
N PRO B 470 -11.38 -20.36 7.41
CA PRO B 470 -12.53 -20.80 6.63
C PRO B 470 -12.07 -21.66 5.44
N ILE B 471 -12.68 -22.83 5.24
CA ILE B 471 -12.38 -23.73 4.08
C ILE B 471 -13.58 -23.71 3.13
N PHE B 472 -13.33 -23.38 1.86
CA PHE B 472 -14.35 -23.28 0.79
C PHE B 472 -14.69 -24.67 0.26
N VAL B 473 -15.99 -24.98 0.15
CA VAL B 473 -16.52 -26.20 -0.53
C VAL B 473 -17.48 -25.74 -1.63
N SER B 474 -17.17 -26.07 -2.88
CA SER B 474 -17.98 -25.75 -4.08
C SER B 474 -19.30 -26.54 -4.05
N HIS B 475 -20.39 -25.89 -4.46
CA HIS B 475 -21.66 -26.51 -4.87
C HIS B 475 -21.37 -27.40 -6.08
N PRO B 476 -21.87 -28.65 -6.13
CA PRO B 476 -21.57 -29.55 -7.25
C PRO B 476 -21.97 -29.01 -8.64
N ASP B 477 -22.93 -28.08 -8.69
CA ASP B 477 -23.45 -27.46 -9.93
C ASP B 477 -23.01 -26.00 -10.01
N ALA B 478 -21.89 -25.65 -9.38
CA ALA B 478 -21.31 -24.29 -9.36
C ALA B 478 -20.98 -23.82 -10.78
N LEU B 479 -21.39 -22.60 -11.13
CA LEU B 479 -21.04 -21.92 -12.41
C LEU B 479 -20.01 -20.82 -12.12
N GLU B 480 -20.19 -20.09 -11.02
N GLU B 480 -20.20 -20.10 -11.00
CA GLU B 480 -19.30 -18.96 -10.60
CA GLU B 480 -19.34 -18.97 -10.56
C GLU B 480 -18.25 -19.48 -9.63
C GLU B 480 -18.32 -19.44 -9.53
N GLU B 481 -17.26 -18.64 -9.33
CA GLU B 481 -16.09 -18.96 -8.47
C GLU B 481 -16.51 -19.16 -7.00
N ASP B 482 -17.52 -18.42 -6.54
CA ASP B 482 -17.96 -18.36 -5.12
C ASP B 482 -19.35 -18.99 -4.96
N ASP B 483 -19.72 -19.94 -5.83
CA ASP B 483 -20.93 -20.78 -5.70
C ASP B 483 -20.60 -21.96 -4.77
N GLY B 484 -20.79 -21.75 -3.47
CA GLY B 484 -20.54 -22.78 -2.44
C GLY B 484 -20.63 -22.22 -1.05
N VAL B 485 -20.00 -22.88 -0.08
CA VAL B 485 -20.00 -22.49 1.35
C VAL B 485 -18.56 -22.44 1.84
N VAL B 486 -18.32 -21.73 2.94
CA VAL B 486 -17.08 -21.83 3.75
C VAL B 486 -17.46 -22.48 5.08
N LEU B 487 -16.61 -23.40 5.56
CA LEU B 487 -16.76 -24.09 6.86
C LEU B 487 -15.72 -23.52 7.82
N SER B 488 -16.14 -23.14 9.03
CA SER B 488 -15.27 -22.60 10.12
C SER B 488 -15.69 -23.25 11.45
N VAL B 489 -14.71 -23.60 12.28
CA VAL B 489 -14.92 -24.09 13.67
C VAL B 489 -14.82 -22.87 14.59
N VAL B 490 -15.90 -22.59 15.35
CA VAL B 490 -16.03 -21.36 16.17
C VAL B 490 -16.07 -21.74 17.66
N VAL B 491 -15.20 -21.14 18.46
CA VAL B 491 -15.19 -21.23 19.95
C VAL B 491 -16.06 -20.09 20.50
N SER B 492 -17.14 -20.42 21.21
CA SER B 492 -18.15 -19.48 21.76
C SER B 492 -18.32 -19.72 23.25
N PRO B 493 -17.37 -19.28 24.11
CA PRO B 493 -17.40 -19.60 25.54
C PRO B 493 -18.42 -18.78 26.37
N GLY B 494 -19.22 -17.92 25.72
CA GLY B 494 -20.32 -17.18 26.37
C GLY B 494 -21.22 -18.10 27.19
N ALA B 495 -21.55 -17.68 28.42
CA ALA B 495 -22.30 -18.47 29.43
C ALA B 495 -23.65 -18.93 28.85
N GLY B 496 -24.30 -18.10 28.03
CA GLY B 496 -25.60 -18.39 27.40
C GLY B 496 -25.45 -19.02 26.02
N GLN B 497 -24.47 -19.92 25.85
CA GLN B 497 -24.17 -20.63 24.57
C GLN B 497 -23.51 -21.97 24.88
N LYS B 498 -23.50 -22.89 23.91
CA LYS B 498 -22.69 -24.13 23.94
C LYS B 498 -21.23 -23.75 23.65
N PRO B 499 -20.23 -24.53 24.12
CA PRO B 499 -18.84 -24.12 24.07
C PRO B 499 -18.27 -23.79 22.68
N ALA B 500 -18.72 -24.52 21.64
CA ALA B 500 -18.18 -24.42 20.26
C ALA B 500 -19.21 -24.90 19.24
N TYR B 501 -19.01 -24.59 17.96
CA TYR B 501 -19.90 -25.02 16.85
C TYR B 501 -19.17 -24.95 15.50
N LEU B 502 -19.59 -25.83 14.59
CA LEU B 502 -19.25 -25.78 13.15
C LEU B 502 -20.14 -24.72 12.49
N LEU B 503 -19.54 -23.69 11.90
CA LEU B 503 -20.25 -22.58 11.21
C LEU B 503 -20.20 -22.85 9.70
N ILE B 504 -21.34 -22.73 9.02
CA ILE B 504 -21.46 -22.77 7.54
C ILE B 504 -22.00 -21.42 7.07
N LEU B 505 -21.19 -20.67 6.31
CA LEU B 505 -21.59 -19.39 5.67
C LEU B 505 -21.74 -19.61 4.17
N ASN B 506 -22.69 -18.91 3.54
CA ASN B 506 -22.79 -18.78 2.07
C ASN B 506 -21.55 -18.03 1.58
N ALA B 507 -20.82 -18.60 0.62
CA ALA B 507 -19.57 -18.03 0.06
C ALA B 507 -19.86 -16.72 -0.68
N LYS B 508 -21.11 -16.51 -1.13
CA LYS B 508 -21.54 -15.30 -1.89
C LYS B 508 -21.37 -14.04 -1.05
N ASP B 509 -21.97 -14.01 0.13
CA ASP B 509 -22.12 -12.79 0.99
C ASP B 509 -21.71 -13.06 2.44
N LEU B 510 -21.18 -14.25 2.74
CA LEU B 510 -20.84 -14.71 4.12
C LEU B 510 -22.06 -14.61 5.04
N SER B 511 -23.28 -14.77 4.50
CA SER B 511 -24.53 -14.90 5.29
C SER B 511 -24.57 -16.32 5.87
N GLU B 512 -25.03 -16.45 7.12
CA GLU B 512 -25.04 -17.74 7.86
C GLU B 512 -26.08 -18.68 7.22
N VAL B 513 -25.69 -19.94 7.02
CA VAL B 513 -26.53 -21.02 6.43
C VAL B 513 -26.97 -21.97 7.55
N ALA B 514 -26.04 -22.35 8.43
CA ALA B 514 -26.30 -23.30 9.55
C ALA B 514 -25.18 -23.28 10.57
N ARG B 515 -25.47 -23.77 11.79
CA ARG B 515 -24.47 -24.15 12.82
C ARG B 515 -24.72 -25.59 13.26
N ALA B 516 -23.65 -26.31 13.60
CA ALA B 516 -23.65 -27.61 14.30
C ALA B 516 -22.93 -27.44 15.63
N GLU B 517 -23.70 -27.24 16.71
CA GLU B 517 -23.19 -26.95 18.07
C GLU B 517 -22.80 -28.26 18.77
N VAL B 518 -21.65 -28.26 19.46
CA VAL B 518 -21.15 -29.40 20.29
C VAL B 518 -21.07 -28.93 21.75
N GLU B 519 -21.18 -29.87 22.69
CA GLU B 519 -21.33 -29.59 24.15
C GLU B 519 -19.97 -29.58 24.85
N ILE B 520 -18.86 -29.73 24.10
CA ILE B 520 -17.46 -29.72 24.63
C ILE B 520 -16.69 -28.57 23.97
N ASN B 521 -15.66 -28.07 24.65
CA ASN B 521 -14.76 -27.00 24.15
C ASN B 521 -13.89 -27.58 23.02
N ILE B 522 -13.50 -26.72 22.08
CA ILE B 522 -12.52 -27.04 20.99
C ILE B 522 -11.41 -26.00 21.08
N PRO B 523 -10.11 -26.42 21.12
CA PRO B 523 -9.01 -25.46 21.14
C PRO B 523 -8.81 -24.86 19.75
N VAL B 524 -7.82 -23.96 19.62
CA VAL B 524 -7.42 -23.35 18.31
C VAL B 524 -7.04 -24.47 17.35
N THR B 525 -7.45 -24.35 16.08
CA THR B 525 -6.96 -25.18 14.95
C THR B 525 -6.34 -24.24 13.92
N PHE B 526 -5.33 -24.71 13.19
CA PHE B 526 -4.54 -23.91 12.21
C PHE B 526 -5.08 -24.17 10.80
N HIS B 527 -4.86 -25.38 10.27
CA HIS B 527 -5.17 -25.72 8.86
C HIS B 527 -5.89 -27.08 8.78
N GLY B 528 -6.52 -27.34 7.63
CA GLY B 528 -7.25 -28.59 7.36
C GLY B 528 -7.70 -28.66 5.91
N LEU B 529 -8.64 -29.55 5.63
CA LEU B 529 -9.23 -29.76 4.28
C LEU B 529 -10.63 -30.35 4.43
N PHE B 530 -11.46 -30.23 3.39
CA PHE B 530 -12.74 -30.98 3.25
C PHE B 530 -12.48 -32.20 2.36
N LYS B 531 -12.69 -33.40 2.90
CA LYS B 531 -12.58 -34.69 2.18
C LYS B 531 -13.98 -35.12 1.74
N LYS B 532 -14.30 -34.95 0.45
CA LYS B 532 -15.60 -35.33 -0.16
C LYS B 532 -15.73 -36.85 -0.17
N SER B 533 -16.92 -37.36 0.18
CA SER B 533 -17.27 -38.81 0.18
C SER B 533 -18.60 -39.01 -0.55
#